data_4BPV
#
_entry.id   4BPV
#
_cell.length_a   72.855
_cell.length_b   128.917
_cell.length_c   97.132
_cell.angle_alpha   90.00
_cell.angle_beta   97.44
_cell.angle_gamma   90.00
#
_symmetry.space_group_name_H-M   'P 1 21 1'
#
loop_
_entity.id
_entity.type
_entity.pdbx_description
1 polymer 'CATHEPSIN S'
2 non-polymer (4R)-4-[(2-chloro-4-{[(2S)-1,1,1-trifluoropropan-2-yl]oxy}phenyl)sulfonyl]-N-{1-[(E)-iminomethyl]cyclopropyl}-1-{[1-(trifluoromethyl)cyclopropyl]carbonyl}-L-prolinamide
3 water water
#
_entity_poly.entity_id   1
_entity_poly.type   'polypeptide(L)'
_entity_poly.pdbx_seq_one_letter_code
;RSYSNRTLPDTVDWREKGCVTEVKYQGSCGACWAFSAVGALEGQLKLKTGKLISLSAQNLVDCSNEEKYGNKGCGGGYMT
EAFQYIIDNGGIEADASYPYKAMDEKCHYNSKNRAATCSRYIQLPFGDEDALKEAVATKGPVSVGIDASHSSFFFYKSGV
YDDPSCTGNVNHGVLVVGYGTLDGKDYWLVKNSWGLNFGDQGYIRMARNNKNHCGIASYCSYPEI
;
_entity_poly.pdbx_strand_id   A,B,C,D,E,K
#
loop_
_chem_comp.id
_chem_comp.type
_chem_comp.name
_chem_comp.formula
OFH non-polymer (4R)-4-[(2-chloro-4-{[(2S)-1,1,1-trifluoropropan-2-yl]oxy}phenyl)sulfonyl]-N-{1-[(E)-iminomethyl]cyclopropyl}-1-{[1-(trifluoromethyl)cyclopropyl]carbonyl}-L-prolinamide 'C23 H24 Cl F6 N3 O5 S'
#
# COMPACT_ATOMS: atom_id res chain seq x y z
N THR A 7 29.10 -6.12 -5.35
CA THR A 7 28.11 -6.46 -4.28
C THR A 7 27.69 -5.20 -3.54
N LEU A 8 26.45 -5.21 -3.05
CA LEU A 8 25.86 -4.09 -2.38
C LEU A 8 25.64 -4.45 -0.90
N PRO A 9 25.59 -3.46 -0.02
CA PRO A 9 25.33 -3.81 1.37
C PRO A 9 23.93 -4.38 1.58
N ASP A 10 23.76 -5.28 2.55
CA ASP A 10 22.42 -5.79 2.90
C ASP A 10 21.49 -4.71 3.49
N THR A 11 22.07 -3.73 4.17
CA THR A 11 21.30 -2.69 4.85
C THR A 11 21.86 -1.30 4.60
N VAL A 12 20.97 -0.35 4.25
CA VAL A 12 21.35 1.08 4.07
C VAL A 12 20.36 1.99 4.81
N ASP A 13 20.86 2.99 5.53
CA ASP A 13 19.99 4.01 6.14
C ASP A 13 20.74 5.31 6.09
N TRP A 14 20.38 6.19 5.17
CA TRP A 14 21.12 7.46 5.04
C TRP A 14 21.02 8.35 6.23
N ARG A 15 20.11 8.09 7.15
CA ARG A 15 20.05 8.97 8.32
C ARG A 15 21.32 8.83 9.15
N GLU A 16 21.98 7.69 9.02
CA GLU A 16 23.16 7.35 9.83
C GLU A 16 24.39 8.13 9.36
N LYS A 17 24.33 8.71 8.16
CA LYS A 17 25.44 9.47 7.62
C LYS A 17 25.15 10.95 7.66
N GLY A 18 24.09 11.35 8.36
CA GLY A 18 23.72 12.76 8.44
C GLY A 18 23.24 13.41 7.15
N CYS A 19 22.65 12.62 6.23
CA CYS A 19 22.23 13.10 4.91
C CYS A 19 20.73 13.43 4.81
N VAL A 20 19.98 13.26 5.90
CA VAL A 20 18.54 13.45 5.91
C VAL A 20 18.08 14.48 6.96
N THR A 21 17.33 15.47 6.50
CA THR A 21 16.77 16.53 7.31
C THR A 21 15.55 16.03 8.07
N GLU A 22 15.08 16.81 9.02
CA GLU A 22 13.89 16.43 9.76
C GLU A 22 12.67 16.19 8.87
N VAL A 23 11.78 15.33 9.35
CA VAL A 23 10.47 15.10 8.73
C VAL A 23 9.64 16.41 8.65
N LYS A 24 8.94 16.60 7.53
CA LYS A 24 8.16 17.80 7.26
C LYS A 24 6.64 17.43 7.26
N TYR A 25 5.77 18.41 7.42
CA TYR A 25 4.31 18.24 7.46
C TYR A 25 3.75 19.12 6.34
N GLN A 26 3.24 18.48 5.28
CA GLN A 26 2.73 19.23 4.13
C GLN A 26 1.40 19.87 4.40
N GLY A 27 0.63 19.31 5.33
CA GLY A 27 -0.69 19.83 5.65
C GLY A 27 -1.64 19.77 4.46
N SER A 28 -2.43 20.83 4.32
CA SER A 28 -3.45 21.00 3.27
C SER A 28 -2.96 21.19 1.86
N CYS A 29 -1.68 21.35 1.66
CA CYS A 29 -1.16 21.61 0.34
C CYS A 29 -0.60 20.32 -0.28
N GLY A 30 -1.03 20.01 -1.50
CA GLY A 30 -0.49 18.80 -2.16
C GLY A 30 0.96 18.98 -2.64
N ALA A 31 1.89 19.12 -1.70
CA ALA A 31 3.29 19.42 -1.99
C ALA A 31 4.21 18.22 -1.79
N CYS A 32 3.66 17.01 -1.69
CA CYS A 32 4.50 15.83 -1.51
C CYS A 32 5.67 15.77 -2.47
N TRP A 33 5.39 16.02 -3.75
CA TRP A 33 6.39 16.02 -4.81
C TRP A 33 7.55 16.99 -4.57
N ALA A 34 7.27 18.13 -3.97
CA ALA A 34 8.31 19.10 -3.71
C ALA A 34 9.14 18.70 -2.48
N PHE A 35 8.50 18.18 -1.44
CA PHE A 35 9.22 17.60 -0.30
C PHE A 35 10.14 16.42 -0.70
N SER A 36 9.67 15.55 -1.62
CA SER A 36 10.49 14.44 -2.12
C SER A 36 11.68 14.97 -2.87
N ALA A 37 11.46 16.01 -3.69
CA ALA A 37 12.55 16.48 -4.51
C ALA A 37 13.61 17.20 -3.68
N VAL A 38 13.23 18.10 -2.78
CA VAL A 38 14.25 18.77 -1.93
C VAL A 38 14.93 17.77 -1.05
N GLY A 39 14.20 16.76 -0.57
CA GLY A 39 14.82 15.67 0.15
C GLY A 39 16.01 15.05 -0.53
N ALA A 40 15.82 14.65 -1.78
CA ALA A 40 16.88 14.05 -2.55
C ALA A 40 18.03 15.02 -2.78
N LEU A 41 17.72 16.30 -3.06
CA LEU A 41 18.79 17.28 -3.24
C LEU A 41 19.50 17.57 -1.94
N GLU A 42 18.78 17.64 -0.82
CA GLU A 42 19.40 17.77 0.53
C GLU A 42 20.47 16.73 0.75
N GLY A 43 20.19 15.50 0.31
CA GLY A 43 21.11 14.38 0.46
C GLY A 43 22.37 14.64 -0.32
N GLN A 44 22.19 15.03 -1.60
CA GLN A 44 23.35 15.30 -2.42
C GLN A 44 24.18 16.48 -1.92
N LEU A 45 23.48 17.51 -1.45
CA LEU A 45 24.13 18.70 -0.90
C LEU A 45 25.04 18.34 0.31
N LYS A 46 24.52 17.52 1.22
CA LYS A 46 25.30 17.07 2.36
C LYS A 46 26.52 16.27 1.89
N LEU A 47 26.30 15.28 1.04
CA LEU A 47 27.40 14.52 0.45
C LEU A 47 28.46 15.36 -0.30
N LYS A 48 28.06 16.39 -1.05
CA LYS A 48 29.05 17.18 -1.80
C LYS A 48 29.65 18.40 -1.08
N THR A 49 29.00 18.93 -0.04
CA THR A 49 29.55 20.11 0.65
C THR A 49 29.69 19.96 2.16
N GLY A 50 29.21 18.83 2.69
CA GLY A 50 29.19 18.63 4.14
C GLY A 50 28.14 19.39 4.93
N LYS A 51 27.36 20.24 4.26
N LYS A 51 27.34 20.22 4.25
CA LYS A 51 26.28 20.96 4.96
CA LYS A 51 26.29 20.96 4.93
C LYS A 51 24.95 20.21 4.77
C LYS A 51 24.92 20.26 4.75
N LEU A 52 24.23 20.02 5.88
CA LEU A 52 22.84 19.52 5.88
C LEU A 52 21.80 20.65 6.15
N ILE A 53 21.07 21.03 5.12
CA ILE A 53 20.15 22.17 5.19
C ILE A 53 18.83 21.76 4.58
N SER A 54 17.71 22.09 5.21
CA SER A 54 16.41 21.89 4.59
C SER A 54 16.23 22.92 3.47
N LEU A 55 15.91 22.42 2.30
CA LEU A 55 15.78 23.24 1.11
C LEU A 55 14.31 23.55 0.88
N SER A 56 14.04 24.58 0.10
CA SER A 56 12.70 25.17 0.10
C SER A 56 11.74 24.45 -0.81
N ALA A 57 10.88 23.64 -0.20
CA ALA A 57 9.75 23.03 -0.92
C ALA A 57 8.86 24.14 -1.48
N GLN A 58 8.71 25.24 -0.74
CA GLN A 58 7.79 26.32 -1.16
C GLN A 58 8.27 26.98 -2.44
N ASN A 59 9.57 27.09 -2.60
CA ASN A 59 10.18 27.68 -3.76
C ASN A 59 9.80 26.88 -5.01
N LEU A 60 9.72 25.55 -4.84
CA LEU A 60 9.26 24.66 -5.90
C LEU A 60 7.76 24.79 -6.17
N VAL A 61 6.97 24.82 -5.10
CA VAL A 61 5.54 25.01 -5.22
C VAL A 61 5.20 26.34 -5.94
N ASP A 62 5.82 27.43 -5.54
CA ASP A 62 5.52 28.76 -6.14
C ASP A 62 6.07 28.99 -7.57
N CYS A 63 7.18 28.38 -7.93
CA CYS A 63 7.93 28.85 -9.09
C CYS A 63 7.92 27.89 -10.29
N SER A 64 7.29 26.72 -10.16
CA SER A 64 7.32 25.71 -11.25
C SER A 64 5.94 25.38 -11.74
N ASN A 65 4.99 26.24 -11.38
CA ASN A 65 3.56 26.04 -11.68
C ASN A 65 3.20 26.75 -12.99
N GLU A 66 3.76 26.19 -14.07
CA GLU A 66 3.62 26.74 -15.43
C GLU A 66 3.76 25.63 -16.49
N GLU A 67 3.37 25.96 -17.72
CA GLU A 67 3.13 24.97 -18.79
C GLU A 67 4.36 24.13 -19.07
N LYS A 68 5.51 24.81 -18.99
CA LYS A 68 6.81 24.22 -19.28
C LYS A 68 7.11 22.99 -18.37
N TYR A 69 6.72 23.08 -17.11
CA TYR A 69 6.93 21.96 -16.17
C TYR A 69 5.69 21.05 -15.99
N GLY A 70 4.48 21.60 -15.93
CA GLY A 70 3.27 20.78 -15.63
C GLY A 70 3.05 20.46 -14.15
N ASN A 71 3.90 21.03 -13.29
CA ASN A 71 3.61 21.04 -11.85
C ASN A 71 2.46 21.96 -11.57
N LYS A 72 1.70 21.63 -10.55
CA LYS A 72 0.51 22.37 -10.23
C LYS A 72 0.55 22.97 -8.85
N GLY A 73 1.73 23.27 -8.31
CA GLY A 73 1.77 23.81 -6.95
C GLY A 73 1.10 22.90 -5.94
N CYS A 74 0.16 23.47 -5.17
CA CYS A 74 -0.54 22.66 -4.18
C CYS A 74 -1.50 21.67 -4.80
N GLY A 75 -1.59 21.67 -6.11
CA GLY A 75 -2.46 20.70 -6.80
C GLY A 75 -1.72 19.41 -7.14
N GLY A 76 -0.44 19.29 -6.77
CA GLY A 76 0.42 18.17 -7.18
C GLY A 76 1.50 18.52 -8.19
N GLY A 77 2.35 17.54 -8.48
CA GLY A 77 3.56 17.81 -9.27
C GLY A 77 4.46 16.61 -9.40
N TYR A 78 5.57 16.82 -10.10
CA TYR A 78 6.47 15.73 -10.43
C TYR A 78 7.86 16.10 -9.94
N MET A 79 8.53 15.15 -9.28
CA MET A 79 9.90 15.34 -8.80
C MET A 79 10.86 15.64 -9.94
N THR A 80 10.65 14.99 -11.09
CA THR A 80 11.55 15.18 -12.23
C THR A 80 11.51 16.64 -12.74
N GLU A 81 10.32 17.20 -12.77
CA GLU A 81 10.11 18.59 -13.18
C GLU A 81 10.63 19.59 -12.13
N ALA A 82 10.49 19.25 -10.86
CA ALA A 82 11.13 20.01 -9.80
C ALA A 82 12.61 20.12 -10.07
N PHE A 83 13.29 18.98 -10.34
CA PHE A 83 14.70 19.00 -10.64
C PHE A 83 15.00 19.90 -11.86
N GLN A 84 14.13 19.86 -12.89
CA GLN A 84 14.36 20.61 -14.10
C GLN A 84 14.18 22.08 -13.80
N TYR A 85 13.18 22.44 -12.99
CA TYR A 85 13.05 23.83 -12.58
C TYR A 85 14.40 24.28 -11.99
N ILE A 86 14.93 23.52 -11.05
CA ILE A 86 16.16 23.92 -10.35
C ILE A 86 17.33 24.07 -11.30
N ILE A 87 17.52 23.11 -12.22
CA ILE A 87 18.50 23.24 -13.29
C ILE A 87 18.32 24.59 -14.06
N ASP A 88 17.16 24.79 -14.66
CA ASP A 88 16.87 26.00 -15.45
C ASP A 88 17.08 27.30 -14.64
N ASN A 89 16.65 27.26 -13.39
CA ASN A 89 16.62 28.42 -12.53
C ASN A 89 17.98 28.79 -12.01
N GLY A 90 18.90 27.84 -12.03
CA GLY A 90 20.27 28.06 -11.57
C GLY A 90 20.34 27.98 -10.06
N GLY A 91 19.25 27.54 -9.41
CA GLY A 91 19.27 27.33 -7.99
C GLY A 91 17.95 27.18 -7.27
N ILE A 92 18.07 26.95 -5.96
CA ILE A 92 16.98 26.90 -5.01
C ILE A 92 17.43 27.49 -3.66
N GLU A 93 16.51 28.16 -2.99
CA GLU A 93 16.71 28.69 -1.68
C GLU A 93 16.55 27.61 -0.60
N ALA A 94 17.13 27.90 0.54
CA ALA A 94 16.88 27.15 1.73
C ALA A 94 15.53 27.51 2.26
N ASP A 95 14.95 26.57 2.99
CA ASP A 95 13.68 26.75 3.66
C ASP A 95 13.71 27.92 4.64
N ALA A 96 14.87 28.21 5.23
CA ALA A 96 14.97 29.25 6.25
C ALA A 96 14.69 30.62 5.63
N SER A 97 15.17 30.85 4.40
CA SER A 97 14.90 32.09 3.67
C SER A 97 13.64 32.08 2.79
N TYR A 98 13.06 30.91 2.54
CA TYR A 98 11.87 30.78 1.68
C TYR A 98 10.98 29.73 2.36
N PRO A 99 10.31 30.13 3.45
CA PRO A 99 9.66 29.17 4.30
C PRO A 99 8.38 28.56 3.71
N TYR A 100 8.00 27.40 4.23
CA TYR A 100 6.82 26.69 3.77
C TYR A 100 5.57 27.30 4.32
N LYS A 101 4.63 27.62 3.42
CA LYS A 101 3.36 28.25 3.81
C LYS A 101 2.15 27.34 3.52
N ALA A 102 2.38 26.15 2.95
CA ALA A 102 1.27 25.25 2.61
C ALA A 102 0.16 25.92 1.80
N MET A 103 0.55 26.77 0.86
CA MET A 103 -0.37 27.49 -0.04
C MET A 103 0.36 27.84 -1.31
N ASP A 104 -0.40 28.11 -2.36
CA ASP A 104 0.13 28.65 -3.61
C ASP A 104 0.35 30.17 -3.42
N GLU A 105 1.57 30.62 -3.61
CA GLU A 105 1.89 32.05 -3.59
C GLU A 105 2.70 32.34 -4.86
N LYS A 106 2.84 33.63 -5.20
CA LYS A 106 3.68 34.02 -6.30
C LYS A 106 5.17 33.85 -5.99
N CYS A 107 5.92 33.47 -7.03
CA CYS A 107 7.31 33.12 -6.92
C CYS A 107 8.06 34.29 -6.33
N HIS A 108 8.79 34.01 -5.24
CA HIS A 108 9.74 34.98 -4.70
C HIS A 108 11.19 34.51 -4.51
N TYR A 109 11.67 33.74 -5.48
CA TYR A 109 13.05 33.30 -5.49
C TYR A 109 14.01 34.44 -5.68
N ASN A 110 15.07 34.43 -4.89
CA ASN A 110 16.18 35.40 -5.01
C ASN A 110 17.51 34.69 -5.01
N SER A 111 18.20 34.73 -6.13
CA SER A 111 19.53 34.13 -6.25
C SER A 111 20.52 34.50 -5.14
N LYS A 112 20.37 35.67 -4.51
CA LYS A 112 21.25 36.03 -3.37
C LYS A 112 21.08 35.09 -2.18
N ASN A 113 19.93 34.41 -2.10
CA ASN A 113 19.70 33.36 -1.11
C ASN A 113 19.88 31.91 -1.62
N ARG A 114 20.38 31.71 -2.84
CA ARG A 114 20.74 30.37 -3.37
C ARG A 114 21.48 29.47 -2.37
N ALA A 115 20.90 28.32 -2.06
CA ALA A 115 21.47 27.39 -1.11
C ALA A 115 21.97 26.08 -1.73
N ALA A 116 21.56 25.81 -2.97
CA ALA A 116 21.90 24.61 -3.71
C ALA A 116 21.61 24.83 -5.19
N THR A 117 22.31 24.07 -6.03
CA THR A 117 22.11 23.98 -7.42
C THR A 117 21.93 22.53 -7.83
N CYS A 118 21.57 22.34 -9.09
CA CYS A 118 21.38 21.03 -9.66
C CYS A 118 21.89 21.13 -11.09
N SER A 119 22.64 20.14 -11.54
CA SER A 119 23.18 20.15 -12.90
C SER A 119 22.41 19.20 -13.80
N ARG A 120 22.00 18.04 -13.29
CA ARG A 120 21.18 17.10 -14.06
C ARG A 120 20.44 16.23 -13.07
N TYR A 121 19.55 15.41 -13.57
CA TYR A 121 18.99 14.36 -12.76
C TYR A 121 18.99 13.02 -13.55
N ILE A 122 18.90 11.93 -12.81
CA ILE A 122 18.91 10.60 -13.34
C ILE A 122 17.52 9.99 -13.14
N GLN A 123 16.94 9.42 -14.20
CA GLN A 123 15.72 8.58 -14.05
C GLN A 123 16.10 7.09 -14.11
N LEU A 124 15.60 6.35 -13.16
CA LEU A 124 15.85 4.92 -13.07
C LEU A 124 14.78 4.14 -13.85
N PRO A 125 15.09 2.92 -14.29
CA PRO A 125 14.20 2.08 -15.10
C PRO A 125 12.88 1.77 -14.39
N PHE A 126 11.76 1.87 -15.12
CA PHE A 126 10.45 1.58 -14.55
C PHE A 126 10.41 0.20 -13.94
N GLY A 127 10.00 0.11 -12.68
CA GLY A 127 9.67 -1.14 -12.04
C GLY A 127 10.88 -1.90 -11.57
N ASP A 128 12.05 -1.30 -11.70
CA ASP A 128 13.29 -2.03 -11.44
C ASP A 128 13.83 -1.88 -10.02
N GLU A 129 13.53 -2.85 -9.15
CA GLU A 129 13.89 -2.76 -7.74
C GLU A 129 15.37 -2.99 -7.49
N ASP A 130 16.03 -3.73 -8.40
CA ASP A 130 17.49 -3.87 -8.38
C ASP A 130 18.21 -2.56 -8.67
N ALA A 131 17.78 -1.81 -9.69
CA ALA A 131 18.35 -0.49 -9.95
C ALA A 131 18.09 0.51 -8.86
N LEU A 132 16.91 0.44 -8.22
CA LEU A 132 16.60 1.30 -7.09
C LEU A 132 17.53 0.99 -5.94
N LYS A 133 17.77 -0.30 -5.69
CA LYS A 133 18.65 -0.68 -4.63
C LYS A 133 20.06 -0.18 -4.92
N GLU A 134 20.53 -0.31 -6.14
CA GLU A 134 21.86 0.19 -6.51
C GLU A 134 22.03 1.72 -6.28
N ALA A 135 21.02 2.47 -6.68
CA ALA A 135 21.02 3.92 -6.58
C ALA A 135 20.99 4.37 -5.13
N VAL A 136 20.10 3.75 -4.36
CA VAL A 136 19.99 4.04 -2.93
C VAL A 136 21.31 3.67 -2.21
N ALA A 137 21.92 2.56 -2.57
CA ALA A 137 23.16 2.20 -1.93
C ALA A 137 24.37 3.11 -2.34
N THR A 138 24.44 3.48 -3.60
CA THR A 138 25.66 4.07 -4.09
C THR A 138 25.51 5.55 -4.37
N LYS A 139 24.32 6.11 -4.35
CA LYS A 139 24.22 7.54 -4.79
C LYS A 139 23.71 8.36 -3.65
N GLY A 140 22.54 7.99 -3.16
CA GLY A 140 21.96 8.67 -2.04
C GLY A 140 20.47 8.41 -2.01
N PRO A 141 19.73 9.13 -1.13
CA PRO A 141 18.28 9.04 -1.17
C PRO A 141 17.67 9.35 -2.56
N VAL A 142 16.58 8.64 -2.85
CA VAL A 142 15.98 8.67 -4.17
C VAL A 142 14.52 9.06 -4.09
N SER A 143 14.09 10.04 -4.92
CA SER A 143 12.71 10.44 -5.02
C SER A 143 11.90 9.36 -5.76
N VAL A 144 10.74 9.01 -5.23
CA VAL A 144 9.87 7.99 -5.80
C VAL A 144 8.39 8.32 -5.64
N GLY A 145 7.55 7.81 -6.55
CA GLY A 145 6.10 7.79 -6.38
C GLY A 145 5.59 6.52 -5.76
N ILE A 146 4.59 6.62 -4.88
CA ILE A 146 3.92 5.44 -4.38
C ILE A 146 2.38 5.59 -4.42
N ASP A 147 1.70 4.46 -4.37
CA ASP A 147 0.24 4.41 -4.12
C ASP A 147 0.05 4.50 -2.61
N ALA A 148 -0.30 5.65 -2.11
CA ALA A 148 -0.56 5.84 -0.70
C ALA A 148 -2.05 6.04 -0.51
N SER A 149 -2.86 5.37 -1.33
CA SER A 149 -4.30 5.56 -1.27
C SER A 149 -5.07 4.72 -0.24
N HIS A 150 -4.38 3.95 0.61
CA HIS A 150 -5.04 3.05 1.49
C HIS A 150 -4.78 3.43 2.90
N SER A 151 -5.80 3.25 3.74
CA SER A 151 -5.68 3.63 5.13
C SER A 151 -4.68 2.77 5.88
N SER A 152 -4.47 1.56 5.42
CA SER A 152 -3.36 0.75 5.98
C SER A 152 -2.00 1.46 5.89
N PHE A 153 -1.81 2.30 4.88
CA PHE A 153 -0.58 3.09 4.74
C PHE A 153 -0.61 4.13 5.85
N PHE A 154 -1.76 4.82 5.94
CA PHE A 154 -1.97 5.88 6.91
C PHE A 154 -1.73 5.44 8.34
N PHE A 155 -2.18 4.23 8.67
CA PHE A 155 -2.06 3.70 10.01
C PHE A 155 -0.78 2.97 10.37
N TYR A 156 0.17 2.87 9.45
CA TYR A 156 1.38 2.13 9.72
C TYR A 156 2.11 2.62 10.97
N LYS A 157 2.63 1.68 11.77
N LYS A 157 2.62 1.67 11.76
CA LYS A 157 3.45 2.04 12.94
CA LYS A 157 3.41 1.98 12.96
C LYS A 157 4.76 1.25 13.03
C LYS A 157 4.75 1.25 13.02
N SER A 158 4.74 -0.04 12.69
CA SER A 158 5.94 -0.90 12.77
C SER A 158 5.88 -2.09 11.86
N GLY A 159 7.01 -2.75 11.72
CA GLY A 159 7.16 -3.84 10.80
C GLY A 159 7.25 -3.32 9.34
N VAL A 160 6.76 -4.14 8.42
CA VAL A 160 6.88 -3.86 6.99
C VAL A 160 5.51 -3.79 6.34
N TYR A 161 5.19 -2.63 5.75
CA TYR A 161 3.92 -2.40 5.04
C TYR A 161 3.78 -3.31 3.80
N ASP A 162 2.74 -4.11 3.77
CA ASP A 162 2.46 -4.94 2.64
C ASP A 162 0.95 -5.12 2.61
N ASP A 163 0.32 -4.63 1.56
CA ASP A 163 -1.11 -4.60 1.47
C ASP A 163 -1.49 -5.06 0.06
N PRO A 164 -2.14 -6.23 -0.06
CA PRO A 164 -2.43 -6.84 -1.38
C PRO A 164 -3.41 -6.03 -2.18
N SER A 165 -4.01 -5.03 -1.55
CA SER A 165 -4.83 -4.11 -2.29
C SER A 165 -4.02 -2.93 -2.90
N CYS A 166 -2.71 -2.83 -2.61
CA CYS A 166 -1.88 -1.81 -3.27
C CYS A 166 -1.80 -2.10 -4.77
N THR A 167 -1.72 -1.03 -5.58
CA THR A 167 -1.50 -1.17 -7.03
C THR A 167 -0.32 -0.30 -7.45
N GLY A 168 -0.02 -0.27 -8.73
CA GLY A 168 1.00 0.62 -9.24
C GLY A 168 0.45 2.00 -9.55
N ASN A 169 -0.74 2.33 -9.07
CA ASN A 169 -1.36 3.64 -9.38
C ASN A 169 -0.85 4.69 -8.39
N VAL A 170 0.36 5.11 -8.61
CA VAL A 170 1.03 5.98 -7.69
C VAL A 170 0.29 7.33 -7.57
N ASN A 171 0.25 7.89 -6.36
CA ASN A 171 -0.45 9.16 -6.13
C ASN A 171 0.28 10.10 -5.15
N HIS A 172 1.50 9.73 -4.76
CA HIS A 172 2.19 10.40 -3.68
C HIS A 172 3.70 10.32 -3.88
N GLY A 173 4.40 11.43 -3.71
CA GLY A 173 5.87 11.49 -3.92
C GLY A 173 6.49 11.40 -2.53
N VAL A 174 7.45 10.46 -2.35
CA VAL A 174 8.12 10.27 -1.09
C VAL A 174 9.64 10.08 -1.34
N LEU A 175 10.40 9.85 -0.27
CA LEU A 175 11.85 9.67 -0.38
C LEU A 175 12.31 8.33 0.23
N VAL A 176 13.02 7.55 -0.56
CA VAL A 176 13.65 6.33 -0.06
C VAL A 176 15.06 6.67 0.41
N VAL A 177 15.29 6.52 1.71
CA VAL A 177 16.56 6.85 2.30
C VAL A 177 17.28 5.57 2.78
N GLY A 178 16.72 4.41 2.46
CA GLY A 178 17.38 3.17 2.75
C GLY A 178 16.64 1.91 2.42
N TYR A 179 17.15 0.77 2.92
CA TYR A 179 16.51 -0.51 2.66
C TYR A 179 17.12 -1.51 3.62
N GLY A 180 16.47 -2.66 3.77
CA GLY A 180 17.02 -3.73 4.59
C GLY A 180 16.07 -4.92 4.57
N THR A 181 16.24 -5.76 5.58
CA THR A 181 15.38 -6.92 5.79
C THR A 181 15.02 -6.89 7.27
N LEU A 182 13.71 -6.88 7.57
CA LEU A 182 13.22 -6.94 8.94
C LEU A 182 12.46 -8.27 9.19
N ASP A 183 13.02 -9.09 10.07
CA ASP A 183 12.37 -10.35 10.45
C ASP A 183 11.91 -11.13 9.24
N GLY A 184 12.83 -11.32 8.31
CA GLY A 184 12.60 -12.08 7.13
C GLY A 184 12.00 -11.38 5.96
N LYS A 185 11.64 -10.10 6.08
CA LYS A 185 10.93 -9.37 5.01
C LYS A 185 11.72 -8.14 4.52
N ASP A 186 12.00 -8.11 3.22
CA ASP A 186 12.81 -7.06 2.60
C ASP A 186 11.93 -5.83 2.62
N TYR A 187 12.54 -4.67 2.87
CA TYR A 187 11.79 -3.43 2.94
C TYR A 187 12.63 -2.30 2.30
N TRP A 188 11.93 -1.27 1.89
CA TRP A 188 12.44 0.06 1.51
C TRP A 188 12.12 1.01 2.67
N LEU A 189 13.05 1.88 3.05
CA LEU A 189 12.93 2.79 4.20
C LEU A 189 12.51 4.13 3.58
N VAL A 190 11.29 4.56 3.87
CA VAL A 190 10.73 5.71 3.20
C VAL A 190 10.43 6.87 4.16
N LYS A 191 10.89 8.07 3.79
CA LYS A 191 10.60 9.32 4.50
C LYS A 191 9.36 9.89 3.91
N ASN A 192 8.33 10.06 4.73
CA ASN A 192 7.07 10.72 4.33
C ASN A 192 7.10 12.18 4.77
N SER A 193 6.15 12.95 4.23
CA SER A 193 5.97 14.35 4.57
C SER A 193 4.58 14.57 5.21
N TRP A 194 4.15 13.63 6.01
CA TRP A 194 2.86 13.79 6.76
C TRP A 194 3.11 14.04 8.26
N GLY A 195 4.32 14.47 8.58
CA GLY A 195 4.63 14.90 9.92
C GLY A 195 5.18 13.80 10.75
N LEU A 196 5.64 14.18 11.96
CA LEU A 196 6.34 13.26 12.83
C LEU A 196 5.46 12.18 13.39
N ASN A 197 4.18 12.47 13.57
CA ASN A 197 3.25 11.47 14.14
C ASN A 197 2.80 10.40 13.15
N PHE A 198 3.08 10.56 11.86
CA PHE A 198 2.79 9.50 10.89
C PHE A 198 3.80 8.40 11.07
N GLY A 199 3.37 7.14 11.06
CA GLY A 199 4.35 6.05 10.91
C GLY A 199 5.32 5.96 12.09
N ASP A 200 6.58 5.69 11.80
CA ASP A 200 7.61 5.58 12.82
C ASP A 200 8.46 6.87 12.78
N GLN A 201 8.03 7.84 13.56
CA GLN A 201 8.65 9.15 13.56
C GLN A 201 8.75 9.72 12.12
N GLY A 202 7.67 9.53 11.34
CA GLY A 202 7.61 10.04 9.97
C GLY A 202 8.12 9.12 8.88
N TYR A 203 8.51 7.90 9.26
CA TYR A 203 9.03 6.90 8.36
C TYR A 203 8.17 5.66 8.23
N ILE A 204 8.20 5.04 7.06
CA ILE A 204 7.54 3.79 6.85
C ILE A 204 8.46 2.82 6.15
N ARG A 205 8.44 1.57 6.59
CA ARG A 205 9.10 0.51 5.90
C ARG A 205 8.11 -0.19 4.96
N MET A 206 8.40 -0.17 3.67
CA MET A 206 7.49 -0.71 2.62
C MET A 206 8.07 -1.93 1.92
N ALA A 207 7.21 -2.87 1.57
CA ALA A 207 7.66 -4.17 0.98
C ALA A 207 8.53 -3.94 -0.23
N ARG A 208 9.69 -4.63 -0.19
CA ARG A 208 10.66 -4.63 -1.22
C ARG A 208 10.70 -6.04 -1.86
N ASN A 209 11.05 -6.12 -3.13
CA ASN A 209 11.10 -7.33 -3.92
C ASN A 209 9.76 -8.08 -3.92
N ASN A 210 8.68 -7.33 -3.79
CA ASN A 210 7.34 -7.86 -3.87
C ASN A 210 6.64 -7.26 -5.08
N LYS A 211 7.16 -7.57 -6.24
CA LYS A 211 6.47 -7.26 -7.51
C LYS A 211 6.20 -5.74 -7.67
N ASN A 212 7.19 -4.90 -7.37
CA ASN A 212 7.05 -3.41 -7.50
C ASN A 212 5.87 -2.91 -6.66
N HIS A 213 5.92 -3.19 -5.37
CA HIS A 213 4.73 -3.08 -4.52
C HIS A 213 4.39 -1.63 -4.34
N CYS A 214 3.13 -1.30 -4.59
CA CYS A 214 2.66 0.09 -4.48
C CYS A 214 3.34 1.03 -5.50
N GLY A 215 3.93 0.46 -6.55
CA GLY A 215 4.59 1.21 -7.59
C GLY A 215 5.88 1.94 -7.19
N ILE A 216 6.48 1.53 -6.10
CA ILE A 216 7.61 2.24 -5.48
C ILE A 216 8.83 2.38 -6.39
N ALA A 217 9.06 1.44 -7.31
CA ALA A 217 10.13 1.59 -8.28
C ALA A 217 9.63 2.08 -9.66
N SER A 218 8.37 2.56 -9.76
CA SER A 218 7.85 2.95 -11.07
C SER A 218 8.48 4.24 -11.62
N TYR A 219 8.53 5.28 -10.81
CA TYR A 219 8.96 6.62 -11.25
C TYR A 219 9.97 7.15 -10.28
N CYS A 220 11.20 6.64 -10.39
CA CYS A 220 12.25 6.98 -9.44
C CYS A 220 13.24 7.89 -10.10
N SER A 221 13.67 8.92 -9.35
CA SER A 221 14.71 9.83 -9.82
C SER A 221 15.56 10.42 -8.67
N TYR A 222 16.80 10.79 -9.02
CA TYR A 222 17.66 11.57 -8.08
C TYR A 222 18.47 12.62 -8.83
N PRO A 223 18.85 13.72 -8.13
CA PRO A 223 19.60 14.78 -8.77
C PRO A 223 21.12 14.61 -8.61
N GLU A 224 21.88 15.28 -9.46
CA GLU A 224 23.32 15.49 -9.27
C GLU A 224 23.59 17.00 -9.03
N ILE A 225 24.39 17.34 -8.02
CA ILE A 225 24.68 18.74 -7.76
C ILE A 225 25.49 19.17 -8.98
N THR B 7 -8.75 9.83 20.99
CA THR B 7 -7.31 9.55 21.29
C THR B 7 -6.41 10.67 20.83
N LEU B 8 -5.43 11.00 21.65
CA LEU B 8 -4.47 12.02 21.30
C LEU B 8 -3.30 11.46 20.45
N PRO B 9 -2.69 12.29 19.60
CA PRO B 9 -1.43 11.85 18.94
C PRO B 9 -0.31 11.33 19.89
N ASP B 10 0.42 10.30 19.48
CA ASP B 10 1.50 9.76 20.30
C ASP B 10 2.65 10.76 20.38
N THR B 11 2.79 11.58 19.33
CA THR B 11 3.90 12.50 19.15
C THR B 11 3.37 13.81 18.61
N VAL B 12 3.85 14.92 19.15
CA VAL B 12 3.48 16.27 18.66
C VAL B 12 4.74 17.11 18.60
N ASP B 13 4.86 17.95 17.57
CA ASP B 13 5.99 18.91 17.41
C ASP B 13 5.48 20.10 16.61
N TRP B 14 5.03 21.11 17.34
CA TRP B 14 4.48 22.31 16.70
C TRP B 14 5.43 23.01 15.76
N ARG B 15 6.74 22.76 15.87
CA ARG B 15 7.67 23.37 14.90
C ARG B 15 7.32 22.96 13.44
N GLU B 16 6.84 21.74 13.22
CA GLU B 16 6.51 21.24 11.86
C GLU B 16 5.25 21.87 11.26
N LYS B 17 4.39 22.42 12.12
CA LYS B 17 3.19 23.10 11.66
C LYS B 17 3.44 24.61 11.48
N GLY B 18 4.70 25.06 11.48
CA GLY B 18 5.01 26.48 11.40
C GLY B 18 4.49 27.38 12.52
N CYS B 19 4.36 26.87 13.75
CA CYS B 19 3.79 27.68 14.85
C CYS B 19 4.83 28.19 15.88
N VAL B 20 6.11 27.98 15.58
CA VAL B 20 7.16 28.28 16.52
C VAL B 20 8.22 29.12 15.85
N THR B 21 8.51 30.25 16.49
CA THR B 21 9.49 31.16 15.96
C THR B 21 10.89 30.71 16.33
N GLU B 22 11.87 31.38 15.76
CA GLU B 22 13.25 31.07 16.04
C GLU B 22 13.59 31.22 17.55
N VAL B 23 14.53 30.39 18.01
CA VAL B 23 15.02 30.44 19.39
C VAL B 23 15.71 31.81 19.64
N LYS B 24 15.35 32.47 20.75
CA LYS B 24 15.97 33.76 21.15
C LYS B 24 16.99 33.57 22.20
N TYR B 25 17.74 34.63 22.49
CA TYR B 25 18.86 34.62 23.41
C TYR B 25 18.63 35.68 24.52
N GLN B 26 18.29 35.26 25.72
CA GLN B 26 17.93 36.27 26.75
C GLN B 26 19.09 37.06 27.35
N GLY B 27 20.29 36.51 27.26
CA GLY B 27 21.48 37.17 27.83
C GLY B 27 21.39 37.23 29.36
N SER B 28 22.00 38.29 29.93
CA SER B 28 22.05 38.49 31.39
C SER B 28 20.85 39.30 31.88
N CYS B 29 19.71 39.16 31.20
CA CYS B 29 18.46 39.70 31.65
C CYS B 29 17.50 38.51 31.92
N GLY B 30 16.86 38.49 33.09
CA GLY B 30 16.01 37.40 33.50
C GLY B 30 14.63 37.46 32.86
N ALA B 31 14.59 37.42 31.55
CA ALA B 31 13.33 37.58 30.80
C ALA B 31 12.82 36.27 30.24
N CYS B 32 13.25 35.15 30.82
CA CYS B 32 12.70 33.80 30.42
C CYS B 32 11.16 33.74 30.39
N TRP B 33 10.55 34.30 31.42
CA TRP B 33 9.07 34.37 31.52
C TRP B 33 8.45 35.17 30.36
N ALA B 34 9.17 36.18 29.87
CA ALA B 34 8.63 37.01 28.79
C ALA B 34 8.80 36.31 27.46
N PHE B 35 9.96 35.73 27.22
CA PHE B 35 10.08 34.85 26.04
C PHE B 35 9.12 33.64 26.02
N SER B 36 8.88 33.08 27.19
CA SER B 36 7.92 31.97 27.30
C SER B 36 6.51 32.47 26.93
N ALA B 37 6.12 33.58 27.53
CA ALA B 37 4.80 34.13 27.25
C ALA B 37 4.62 34.48 25.77
N VAL B 38 5.59 35.17 25.17
CA VAL B 38 5.46 35.51 23.75
C VAL B 38 5.42 34.27 22.89
N GLY B 39 6.16 33.23 23.29
CA GLY B 39 6.19 32.01 22.54
C GLY B 39 4.81 31.40 22.41
N ALA B 40 4.07 31.33 23.52
CA ALA B 40 2.73 30.77 23.49
C ALA B 40 1.74 31.60 22.66
N LEU B 41 1.83 32.91 22.79
CA LEU B 41 0.97 33.81 22.02
C LEU B 41 1.34 33.72 20.52
N GLU B 42 2.63 33.70 20.20
CA GLU B 42 3.08 33.45 18.80
C GLU B 42 2.41 32.24 18.18
N GLY B 43 2.41 31.15 18.94
CA GLY B 43 1.67 29.94 18.59
C GLY B 43 0.22 30.20 18.24
N GLN B 44 -0.49 30.80 19.20
CA GLN B 44 -1.87 31.19 18.99
C GLN B 44 -2.06 32.13 17.81
N LEU B 45 -1.19 33.11 17.64
CA LEU B 45 -1.34 34.06 16.52
C LEU B 45 -1.21 33.33 15.17
N LYS B 46 -0.21 32.46 15.05
CA LYS B 46 -0.11 31.63 13.85
C LYS B 46 -1.36 30.77 13.66
N LEU B 47 -1.83 30.11 14.70
CA LEU B 47 -3.01 29.25 14.57
C LEU B 47 -4.28 30.05 14.19
N LYS B 48 -4.34 31.34 14.54
CA LYS B 48 -5.52 32.14 14.25
C LYS B 48 -5.45 33.05 13.01
N THR B 49 -4.28 33.53 12.64
CA THR B 49 -4.18 34.41 11.49
C THR B 49 -3.35 33.84 10.34
N GLY B 50 -2.71 32.70 10.54
CA GLY B 50 -1.82 32.13 9.55
C GLY B 50 -0.45 32.78 9.50
N LYS B 51 -0.21 33.75 10.39
CA LYS B 51 1.02 34.52 10.38
C LYS B 51 1.94 34.17 11.55
N LEU B 52 3.22 33.99 11.24
CA LEU B 52 4.19 33.62 12.25
C LEU B 52 5.06 34.80 12.43
N ILE B 53 4.99 35.42 13.62
CA ILE B 53 5.67 36.69 13.89
C ILE B 53 6.22 36.67 15.31
N SER B 54 7.52 36.94 15.46
CA SER B 54 8.14 37.06 16.79
C SER B 54 7.63 38.27 17.53
N LEU B 55 7.04 38.05 18.71
CA LEU B 55 6.41 39.14 19.47
C LEU B 55 7.43 39.73 20.46
N SER B 56 7.11 40.91 21.00
CA SER B 56 8.06 41.70 21.77
C SER B 56 8.21 41.26 23.26
N ALA B 57 9.29 40.53 23.53
CA ALA B 57 9.63 40.22 24.91
C ALA B 57 9.96 41.51 25.68
N GLN B 58 10.66 42.42 25.03
CA GLN B 58 11.09 43.68 25.66
C GLN B 58 9.91 44.55 26.14
N ASN B 59 8.85 44.55 25.35
CA ASN B 59 7.59 45.24 25.66
C ASN B 59 7.02 44.79 27.03
N LEU B 60 7.00 43.48 27.26
CA LEU B 60 6.61 42.90 28.56
C LEU B 60 7.61 43.25 29.68
N VAL B 61 8.89 43.16 29.38
CA VAL B 61 9.96 43.54 30.31
C VAL B 61 9.78 45.00 30.79
N ASP B 62 9.64 45.91 29.83
CA ASP B 62 9.56 47.32 30.12
C ASP B 62 8.26 47.72 30.83
N CYS B 63 7.14 47.15 30.37
CA CYS B 63 5.84 47.75 30.67
C CYS B 63 4.97 47.04 31.69
N SER B 64 5.39 45.87 32.19
CA SER B 64 4.64 45.19 33.25
C SER B 64 5.39 45.15 34.58
N ASN B 65 6.40 46.01 34.72
CA ASN B 65 7.25 46.05 35.90
C ASN B 65 6.64 47.00 36.95
N GLU B 66 5.56 46.55 37.57
CA GLU B 66 4.88 47.29 38.63
C GLU B 66 4.11 46.35 39.55
N GLU B 67 3.68 46.84 40.71
CA GLU B 67 3.04 46.00 41.76
C GLU B 67 1.75 45.32 41.32
N LYS B 68 1.04 45.95 40.39
CA LYS B 68 -0.17 45.34 39.80
C LYS B 68 0.07 43.95 39.20
N TYR B 69 1.20 43.84 38.48
CA TYR B 69 1.58 42.57 37.86
C TYR B 69 2.55 41.72 38.70
N GLY B 70 3.51 42.34 39.40
CA GLY B 70 4.47 41.57 40.21
C GLY B 70 5.61 41.03 39.35
N ASN B 71 5.65 41.44 38.10
CA ASN B 71 6.75 41.21 37.24
C ASN B 71 7.85 42.19 37.59
N LYS B 72 9.09 41.83 37.29
CA LYS B 72 10.22 42.57 37.79
C LYS B 72 11.26 42.75 36.72
N GLY B 73 10.82 42.81 35.46
CA GLY B 73 11.71 43.10 34.39
C GLY B 73 12.74 42.04 34.20
N CYS B 74 14.00 42.47 34.12
CA CYS B 74 15.11 41.56 34.04
C CYS B 74 15.37 40.78 35.35
N GLY B 75 14.54 41.02 36.38
CA GLY B 75 14.69 40.35 37.66
C GLY B 75 13.87 39.08 37.75
N GLY B 76 13.02 38.84 36.74
CA GLY B 76 12.13 37.73 36.74
C GLY B 76 10.67 38.16 36.62
N GLY B 77 9.81 37.17 36.40
CA GLY B 77 8.40 37.46 36.23
C GLY B 77 7.58 36.25 35.93
N TYR B 78 6.29 36.46 35.67
CA TYR B 78 5.33 35.40 35.56
C TYR B 78 4.67 35.48 34.20
N MET B 79 4.62 34.33 33.56
CA MET B 79 3.95 34.22 32.27
C MET B 79 2.44 34.53 32.37
N THR B 80 1.76 34.15 33.47
CA THR B 80 0.34 34.48 33.66
C THR B 80 0.17 36.00 33.71
N GLU B 81 1.09 36.69 34.37
CA GLU B 81 1.00 38.15 34.48
C GLU B 81 1.45 38.90 33.22
N ALA B 82 2.29 38.27 32.42
CA ALA B 82 2.58 38.81 31.09
C ALA B 82 1.31 38.79 30.25
N PHE B 83 0.63 37.65 30.24
CA PHE B 83 -0.65 37.53 29.56
C PHE B 83 -1.65 38.59 30.07
N GLN B 84 -1.81 38.69 31.38
CA GLN B 84 -2.69 39.69 31.96
C GLN B 84 -2.33 41.10 31.50
N TYR B 85 -1.05 41.44 31.42
CA TYR B 85 -0.70 42.76 30.93
C TYR B 85 -1.16 42.97 29.48
N ILE B 86 -1.04 41.93 28.66
CA ILE B 86 -1.40 42.01 27.24
C ILE B 86 -2.91 42.18 27.09
N ILE B 87 -3.67 41.42 27.88
CA ILE B 87 -5.11 41.68 28.08
C ILE B 87 -5.33 43.16 28.40
N ASP B 88 -4.83 43.60 29.55
CA ASP B 88 -5.11 44.95 30.07
C ASP B 88 -4.69 46.02 29.10
N ASN B 89 -3.58 45.78 28.40
CA ASN B 89 -2.97 46.75 27.53
C ASN B 89 -3.68 46.86 26.21
N GLY B 90 -4.44 45.83 25.86
CA GLY B 90 -5.10 45.75 24.56
C GLY B 90 -4.15 45.46 23.42
N GLY B 91 -2.98 44.92 23.74
CA GLY B 91 -2.08 44.42 22.71
C GLY B 91 -0.63 44.36 23.13
N ILE B 92 0.20 43.91 22.19
CA ILE B 92 1.64 43.87 22.34
C ILE B 92 2.24 44.04 20.95
N GLU B 93 3.44 44.61 20.91
CA GLU B 93 4.16 44.85 19.69
C GLU B 93 4.94 43.62 19.23
N ALA B 94 5.38 43.69 17.98
CA ALA B 94 6.20 42.68 17.37
C ALA B 94 7.62 43.01 17.76
N ASP B 95 8.46 42.00 17.87
CA ASP B 95 9.87 42.23 18.21
C ASP B 95 10.51 43.22 17.24
N ALA B 96 10.09 43.16 15.97
CA ALA B 96 10.65 44.04 14.93
C ALA B 96 10.47 45.52 15.32
N SER B 97 9.28 45.90 15.75
CA SER B 97 9.05 47.28 16.12
C SER B 97 9.56 47.59 17.53
N TYR B 98 9.71 46.56 18.38
CA TYR B 98 10.07 46.77 19.80
C TYR B 98 11.06 45.71 20.23
N PRO B 99 12.36 45.90 19.91
CA PRO B 99 13.29 44.80 19.92
C PRO B 99 13.91 44.61 21.29
N TYR B 100 14.50 43.43 21.46
CA TYR B 100 15.07 43.01 22.73
C TYR B 100 16.46 43.58 23.00
N LYS B 101 16.64 44.20 24.16
CA LYS B 101 17.88 44.85 24.56
C LYS B 101 18.51 44.19 25.77
N ALA B 102 17.84 43.20 26.36
CA ALA B 102 18.30 42.60 27.62
C ALA B 102 18.60 43.65 28.71
N MET B 103 17.76 44.68 28.81
CA MET B 103 17.92 45.75 29.82
C MET B 103 16.55 46.20 30.27
N ASP B 104 16.47 46.76 31.47
CA ASP B 104 15.21 47.34 31.93
C ASP B 104 15.13 48.79 31.43
N GLU B 105 14.17 49.06 30.55
CA GLU B 105 14.02 50.38 29.93
C GLU B 105 12.65 50.99 30.14
N LYS B 106 12.50 52.23 29.71
CA LYS B 106 11.25 52.97 29.90
C LYS B 106 10.24 52.45 28.92
N CYS B 107 9.05 52.24 29.43
CA CYS B 107 8.02 51.65 28.64
C CYS B 107 7.68 52.53 27.46
N HIS B 108 7.63 51.97 26.25
CA HIS B 108 7.24 52.77 25.09
C HIS B 108 6.32 52.06 24.08
N TYR B 109 5.34 51.34 24.62
CA TYR B 109 4.31 50.70 23.79
C TYR B 109 3.58 51.73 22.93
N ASN B 110 3.35 51.35 21.67
CA ASN B 110 2.61 52.17 20.71
C ASN B 110 1.48 51.36 20.04
N SER B 111 0.24 51.64 20.41
CA SER B 111 -0.92 50.95 19.87
C SER B 111 -0.94 50.91 18.34
N LYS B 112 -0.24 51.85 17.70
CA LYS B 112 -0.09 51.86 16.24
C LYS B 112 0.62 50.61 15.73
N ASN B 113 1.60 50.13 16.52
CA ASN B 113 2.39 48.95 16.18
C ASN B 113 1.84 47.65 16.78
N ARG B 114 0.60 47.65 17.25
CA ARG B 114 0.01 46.48 17.84
C ARG B 114 0.10 45.28 16.88
N ALA B 115 0.70 44.18 17.33
CA ALA B 115 0.87 42.99 16.49
C ALA B 115 0.08 41.79 16.95
N ALA B 116 -0.53 41.86 18.13
CA ALA B 116 -1.31 40.73 18.66
C ALA B 116 -2.08 41.19 19.88
N THR B 117 -3.09 40.42 20.25
CA THR B 117 -3.93 40.71 21.40
C THR B 117 -4.22 39.42 22.14
N CYS B 118 -4.76 39.55 23.35
CA CYS B 118 -5.12 38.39 24.16
C CYS B 118 -6.37 38.81 24.91
N SER B 119 -7.30 37.90 25.11
CA SER B 119 -8.50 38.26 25.87
C SER B 119 -8.63 37.49 27.18
N ARG B 120 -8.05 36.29 27.23
N ARG B 120 -8.02 36.31 27.25
CA ARG B 120 -8.05 35.48 28.44
CA ARG B 120 -8.03 35.50 28.46
C ARG B 120 -6.88 34.52 28.41
C ARG B 120 -6.84 34.56 28.42
N TYR B 121 -6.58 33.89 29.54
CA TYR B 121 -5.55 32.83 29.61
C TYR B 121 -6.05 31.75 30.51
N ILE B 122 -5.59 30.54 30.23
CA ILE B 122 -6.04 29.33 30.88
C ILE B 122 -4.89 28.77 31.68
N GLN B 123 -5.14 28.46 32.94
CA GLN B 123 -4.20 27.70 33.76
C GLN B 123 -4.67 26.28 33.89
N LEU B 124 -3.76 25.35 33.72
CA LEU B 124 -4.00 23.93 33.88
C LEU B 124 -3.80 23.48 35.32
N PRO B 125 -4.43 22.34 35.70
CA PRO B 125 -4.33 21.81 37.07
C PRO B 125 -2.88 21.50 37.47
N PHE B 126 -2.53 21.82 38.73
CA PHE B 126 -1.16 21.74 39.21
C PHE B 126 -0.69 20.32 39.06
N GLY B 127 0.47 20.12 38.43
CA GLY B 127 1.10 18.78 38.38
C GLY B 127 0.46 17.72 37.50
N ASP B 128 -0.45 18.10 36.64
CA ASP B 128 -1.27 17.12 35.87
C ASP B 128 -0.71 16.99 34.45
N GLU B 129 0.11 15.97 34.25
CA GLU B 129 0.82 15.77 32.99
C GLU B 129 -0.15 15.36 31.83
N ASP B 130 -1.26 14.68 32.15
CA ASP B 130 -2.33 14.34 31.14
C ASP B 130 -2.99 15.59 30.61
N ALA B 131 -3.34 16.48 31.54
CA ALA B 131 -3.91 17.76 31.14
C ALA B 131 -2.93 18.53 30.30
N LEU B 132 -1.65 18.42 30.60
CA LEU B 132 -0.66 19.13 29.83
C LEU B 132 -0.52 18.50 28.44
N LYS B 133 -0.47 17.17 28.37
CA LYS B 133 -0.45 16.53 27.06
C LYS B 133 -1.64 16.98 26.20
N GLU B 134 -2.83 16.97 26.80
CA GLU B 134 -4.07 17.34 26.12
C GLU B 134 -4.05 18.74 25.56
N ALA B 135 -3.57 19.67 26.36
CA ALA B 135 -3.48 21.04 25.95
C ALA B 135 -2.41 21.21 24.83
N VAL B 136 -1.26 20.54 24.96
CA VAL B 136 -0.25 20.69 23.91
C VAL B 136 -0.80 20.09 22.58
N ALA B 137 -1.35 18.89 22.61
CA ALA B 137 -1.97 18.31 21.42
C ALA B 137 -3.01 19.23 20.76
N THR B 138 -3.98 19.75 21.53
CA THR B 138 -5.20 20.37 20.97
C THR B 138 -5.23 21.90 20.92
N LYS B 139 -4.46 22.57 21.77
CA LYS B 139 -4.52 24.03 21.85
C LYS B 139 -3.30 24.69 21.18
N GLY B 140 -2.11 24.16 21.46
CA GLY B 140 -0.87 24.71 20.94
C GLY B 140 0.22 24.74 22.00
N PRO B 141 1.35 25.40 21.70
CA PRO B 141 2.42 25.49 22.69
C PRO B 141 1.98 26.05 24.03
N VAL B 142 2.54 25.50 25.12
CA VAL B 142 2.11 25.89 26.48
C VAL B 142 3.27 26.42 27.31
N SER B 143 3.06 27.57 27.95
CA SER B 143 4.05 28.16 28.84
C SER B 143 4.08 27.35 30.11
N VAL B 144 5.30 27.10 30.60
CA VAL B 144 5.48 26.35 31.83
C VAL B 144 6.70 26.81 32.64
N GLY B 145 6.67 26.54 33.93
CA GLY B 145 7.85 26.62 34.78
C GLY B 145 8.58 25.26 35.01
N ILE B 146 9.91 25.31 35.08
CA ILE B 146 10.70 24.14 35.39
C ILE B 146 11.84 24.54 36.37
N ASP B 147 12.32 23.57 37.10
CA ASP B 147 13.62 23.64 37.78
C ASP B 147 14.73 23.45 36.74
N ALA B 148 15.32 24.54 36.28
CA ALA B 148 16.40 24.51 35.33
C ALA B 148 17.69 24.92 36.00
N SER B 149 17.84 24.65 37.28
CA SER B 149 18.96 25.15 38.10
C SER B 149 20.21 24.27 38.15
N HIS B 150 20.11 23.03 37.63
CA HIS B 150 21.15 22.06 37.77
C HIS B 150 22.09 22.03 36.58
N SER B 151 23.38 21.95 36.91
CA SER B 151 24.41 21.97 35.88
C SER B 151 24.17 20.90 34.82
N SER B 152 23.70 19.71 35.20
CA SER B 152 23.28 18.73 34.20
C SER B 152 22.33 19.32 33.14
N PHE B 153 21.47 20.26 33.54
CA PHE B 153 20.57 20.90 32.62
C PHE B 153 21.31 21.71 31.61
N PHE B 154 22.23 22.56 32.10
CA PHE B 154 23.05 23.39 31.23
C PHE B 154 23.85 22.54 30.23
N PHE B 155 24.33 21.39 30.66
CA PHE B 155 25.21 20.54 29.80
C PHE B 155 24.46 19.61 28.84
N TYR B 156 23.13 19.59 28.94
CA TYR B 156 22.29 18.76 28.07
C TYR B 156 22.63 18.92 26.62
N LYS B 157 22.79 17.80 25.92
CA LYS B 157 23.00 17.84 24.47
C LYS B 157 21.95 17.04 23.72
N SER B 158 21.65 15.84 24.19
CA SER B 158 20.69 15.00 23.48
C SER B 158 20.08 13.96 24.40
N GLY B 159 19.02 13.30 23.93
CA GLY B 159 18.38 12.25 24.70
C GLY B 159 17.27 12.90 25.50
N VAL B 160 16.75 12.13 26.44
CA VAL B 160 15.76 12.61 27.40
C VAL B 160 16.39 12.98 28.76
N TYR B 161 16.30 14.26 29.11
CA TYR B 161 16.75 14.79 30.38
C TYR B 161 15.95 14.20 31.51
N ASP B 162 16.65 13.57 32.44
CA ASP B 162 16.02 12.88 33.51
C ASP B 162 17.09 12.77 34.59
N ASP B 163 17.23 13.82 35.38
CA ASP B 163 18.33 13.94 36.33
C ASP B 163 17.73 13.85 37.73
N PRO B 164 18.11 12.82 38.51
CA PRO B 164 17.72 12.63 39.91
C PRO B 164 17.74 13.87 40.83
N SER B 165 18.65 14.79 40.56
CA SER B 165 18.78 16.02 41.36
C SER B 165 17.66 17.06 41.14
N CYS B 166 16.91 16.93 40.05
CA CYS B 166 15.87 17.89 39.73
C CYS B 166 14.79 17.88 40.81
N THR B 167 14.15 19.02 41.01
CA THR B 167 13.13 19.15 42.04
C THR B 167 11.93 19.82 41.43
N GLY B 168 10.87 19.92 42.23
CA GLY B 168 9.65 20.64 41.85
C GLY B 168 9.71 22.11 42.18
N ASN B 169 10.85 22.59 42.67
CA ASN B 169 10.98 23.99 42.96
C ASN B 169 11.33 24.74 41.67
N VAL B 170 10.32 25.18 40.93
CA VAL B 170 10.60 25.74 39.59
C VAL B 170 11.23 27.15 39.75
N ASN B 171 12.08 27.51 38.81
CA ASN B 171 12.78 28.80 38.75
C ASN B 171 12.92 29.44 37.35
N HIS B 172 12.49 28.75 36.27
N HIS B 172 12.36 28.80 36.30
CA HIS B 172 12.62 29.28 34.92
CA HIS B 172 12.59 29.20 34.93
C HIS B 172 11.38 28.94 34.04
C HIS B 172 11.37 28.91 34.01
N GLY B 173 10.91 29.94 33.29
CA GLY B 173 9.82 29.79 32.35
C GLY B 173 10.34 29.44 30.96
N VAL B 174 9.69 28.44 30.35
CA VAL B 174 10.02 27.90 29.03
C VAL B 174 8.72 27.57 28.29
N LEU B 175 8.83 27.07 27.06
CA LEU B 175 7.65 26.78 26.28
C LEU B 175 7.66 25.31 25.84
N VAL B 176 6.61 24.58 26.18
CA VAL B 176 6.47 23.19 25.72
C VAL B 176 5.86 23.27 24.29
N VAL B 177 6.59 22.77 23.28
CA VAL B 177 6.15 22.85 21.88
C VAL B 177 5.77 21.45 21.34
N GLY B 178 5.73 20.46 22.21
CA GLY B 178 5.55 19.09 21.77
C GLY B 178 5.82 18.04 22.81
N TYR B 179 5.75 16.79 22.35
CA TYR B 179 5.98 15.61 23.19
C TYR B 179 6.15 14.39 22.34
N GLY B 180 6.69 13.32 22.95
CA GLY B 180 6.87 12.04 22.32
C GLY B 180 7.51 10.99 23.20
N THR B 181 8.07 9.96 22.57
CA THR B 181 8.72 8.88 23.31
C THR B 181 10.07 8.57 22.64
N LEU B 182 11.16 8.64 23.40
CA LEU B 182 12.46 8.37 22.83
C LEU B 182 13.16 7.21 23.57
N ASP B 183 13.57 6.19 22.81
CA ASP B 183 14.22 5.01 23.39
C ASP B 183 13.46 4.47 24.60
N GLY B 184 12.15 4.33 24.45
CA GLY B 184 11.31 3.85 25.53
C GLY B 184 10.96 4.87 26.63
N LYS B 185 11.41 6.11 26.53
CA LYS B 185 11.15 7.12 27.59
C LYS B 185 10.30 8.26 27.06
N ASP B 186 9.19 8.54 27.74
CA ASP B 186 8.32 9.64 27.36
C ASP B 186 9.04 10.97 27.58
N TYR B 187 8.80 12.00 26.77
CA TYR B 187 9.50 13.27 26.97
C TYR B 187 8.60 14.39 26.58
N TRP B 188 8.89 15.59 27.08
CA TRP B 188 8.29 16.85 26.63
C TRP B 188 9.30 17.59 25.82
N LEU B 189 8.85 18.27 24.75
CA LEU B 189 9.78 19.02 23.89
C LEU B 189 9.67 20.47 24.28
N VAL B 190 10.78 21.05 24.76
CA VAL B 190 10.79 22.36 25.36
C VAL B 190 11.73 23.32 24.62
N LYS B 191 11.18 24.46 24.24
CA LYS B 191 11.92 25.56 23.67
C LYS B 191 12.46 26.42 24.79
N ASN B 192 13.79 26.59 24.84
CA ASN B 192 14.34 27.52 25.80
C ASN B 192 14.62 28.84 25.09
N SER B 193 15.09 29.82 25.84
CA SER B 193 15.46 31.13 25.33
C SER B 193 16.94 31.46 25.65
N TRP B 194 17.81 30.47 25.46
CA TRP B 194 19.22 30.61 25.76
C TRP B 194 20.04 30.48 24.47
N GLY B 195 19.40 30.73 23.33
CA GLY B 195 20.00 30.62 22.03
C GLY B 195 20.24 29.23 21.52
N LEU B 196 20.91 29.17 20.37
CA LEU B 196 21.11 27.95 19.61
C LEU B 196 22.13 26.98 20.19
N ASN B 197 23.09 27.45 20.96
CA ASN B 197 24.12 26.60 21.53
C ASN B 197 23.74 26.04 22.87
N PHE B 198 22.52 26.25 23.32
CA PHE B 198 21.99 25.46 24.41
C PHE B 198 21.35 24.20 23.85
N GLY B 199 21.61 23.07 24.49
CA GLY B 199 20.88 21.84 24.19
C GLY B 199 20.89 21.46 22.71
N ASP B 200 19.73 21.02 22.22
CA ASP B 200 19.57 20.58 20.84
C ASP B 200 19.01 21.73 20.00
N GLN B 201 19.91 22.50 19.43
CA GLN B 201 19.56 23.72 18.74
C GLN B 201 18.58 24.63 19.52
N GLY B 202 18.79 24.73 20.83
CA GLY B 202 17.98 25.56 21.71
C GLY B 202 16.84 24.87 22.41
N TYR B 203 16.67 23.56 22.13
CA TYR B 203 15.63 22.71 22.68
C TYR B 203 16.17 21.63 23.62
N ILE B 204 15.29 21.15 24.49
CA ILE B 204 15.63 20.09 25.40
C ILE B 204 14.42 19.16 25.50
N ARG B 205 14.68 17.87 25.53
CA ARG B 205 13.67 16.85 25.79
C ARG B 205 13.72 16.44 27.27
N MET B 206 12.60 16.61 27.97
CA MET B 206 12.57 16.41 29.42
C MET B 206 11.57 15.34 29.75
N ALA B 207 11.87 14.58 30.78
CA ALA B 207 11.11 13.40 31.14
C ALA B 207 9.68 13.76 31.42
N ARG B 208 8.78 12.92 30.87
CA ARG B 208 7.35 13.10 30.91
C ARG B 208 6.82 11.84 31.55
N ASN B 209 5.67 11.96 32.21
CA ASN B 209 5.11 10.87 33.02
C ASN B 209 6.13 10.27 34.00
N ASN B 210 7.00 11.11 34.55
CA ASN B 210 7.99 10.62 35.52
C ASN B 210 7.83 11.48 36.78
N LYS B 211 6.63 11.38 37.33
CA LYS B 211 6.29 12.04 38.57
C LYS B 211 6.50 13.56 38.52
N ASN B 212 5.96 14.23 37.51
CA ASN B 212 6.09 15.70 37.37
C ASN B 212 7.55 16.14 37.49
N HIS B 213 8.39 15.54 36.65
CA HIS B 213 9.84 15.78 36.70
C HIS B 213 10.21 17.25 36.47
N CYS B 214 11.03 17.78 37.38
CA CYS B 214 11.44 19.19 37.38
C CYS B 214 10.28 20.18 37.52
N GLY B 215 9.14 19.73 38.05
CA GLY B 215 7.94 20.55 38.16
C GLY B 215 7.31 20.99 36.86
N ILE B 216 7.59 20.27 35.77
CA ILE B 216 7.23 20.77 34.44
C ILE B 216 5.73 21.03 34.28
N ALA B 217 4.89 20.25 34.96
CA ALA B 217 3.46 20.45 34.81
C ALA B 217 2.87 21.18 36.00
N SER B 218 3.69 21.90 36.74
CA SER B 218 3.24 22.52 38.01
C SER B 218 2.52 23.83 37.77
N TYR B 219 3.08 24.65 36.89
CA TYR B 219 2.57 26.04 36.64
C TYR B 219 2.39 26.29 35.14
N CYS B 220 1.38 25.66 34.56
CA CYS B 220 1.18 25.73 33.12
C CYS B 220 0.06 26.69 32.78
N SER B 221 0.30 27.47 31.74
CA SER B 221 -0.67 28.44 31.24
C SER B 221 -0.53 28.68 29.74
N TYR B 222 -1.64 29.00 29.10
CA TYR B 222 -1.58 29.44 27.69
C TYR B 222 -2.60 30.50 27.44
N PRO B 223 -2.32 31.40 26.49
CA PRO B 223 -3.23 32.48 26.28
C PRO B 223 -4.21 32.11 25.19
N GLU B 224 -5.23 32.94 25.04
N GLU B 224 -5.22 32.93 25.01
CA GLU B 224 -6.24 32.75 24.01
CA GLU B 224 -6.13 32.71 23.92
C GLU B 224 -6.48 34.11 23.40
C GLU B 224 -6.56 34.05 23.38
N ILE B 225 -6.41 34.21 22.07
CA ILE B 225 -6.60 35.51 21.41
C ILE B 225 -8.08 35.87 21.32
N THR C 7 -42.77 13.37 1.55
CA THR C 7 -41.64 14.18 2.06
C THR C 7 -40.79 13.42 3.08
N LEU C 8 -39.54 13.16 2.69
CA LEU C 8 -38.65 12.32 3.50
C LEU C 8 -38.16 13.09 4.72
N PRO C 9 -37.76 12.38 5.77
CA PRO C 9 -37.17 13.14 6.87
C PRO C 9 -35.92 13.89 6.43
N ASP C 10 -35.69 15.01 7.09
CA ASP C 10 -34.54 15.83 6.83
C ASP C 10 -33.23 15.24 7.38
N THR C 11 -33.35 14.37 8.37
CA THR C 11 -32.19 13.83 9.05
C THR C 11 -32.45 12.37 9.36
N VAL C 12 -31.45 11.52 9.09
CA VAL C 12 -31.54 10.08 9.41
C VAL C 12 -30.23 9.61 10.03
N ASP C 13 -30.36 8.66 10.97
CA ASP C 13 -29.26 7.99 11.64
C ASP C 13 -29.65 6.63 12.16
N TRP C 14 -29.42 5.59 11.35
CA TRP C 14 -29.88 4.25 11.69
C TRP C 14 -29.29 3.67 12.98
N ARG C 15 -28.26 4.33 13.51
CA ARG C 15 -27.71 3.99 14.84
C ARG C 15 -28.71 4.29 15.97
N GLU C 16 -29.53 5.33 15.81
CA GLU C 16 -30.58 5.65 16.79
C GLU C 16 -31.52 4.48 16.97
N LYS C 17 -31.78 3.78 15.86
CA LYS C 17 -32.73 2.69 15.80
C LYS C 17 -32.07 1.32 16.05
N GLY C 18 -30.79 1.32 16.44
CA GLY C 18 -30.05 0.09 16.72
C GLY C 18 -29.80 -0.80 15.51
N CYS C 19 -29.68 -0.22 14.32
CA CYS C 19 -29.50 -1.02 13.10
C CYS C 19 -28.06 -1.06 12.56
N VAL C 20 -27.10 -0.61 13.35
CA VAL C 20 -25.70 -0.55 12.95
C VAL C 20 -24.77 -1.21 14.00
N THR C 21 -24.02 -2.21 13.57
CA THR C 21 -23.04 -2.83 14.48
C THR C 21 -21.84 -1.91 14.77
N GLU C 22 -21.02 -2.31 15.74
CA GLU C 22 -19.80 -1.63 16.05
C GLU C 22 -18.91 -1.51 14.80
N VAL C 23 -18.19 -0.40 14.74
CA VAL C 23 -17.15 -0.18 13.75
C VAL C 23 -16.07 -1.27 13.82
N LYS C 24 -15.80 -1.86 12.66
CA LYS C 24 -14.75 -2.88 12.50
C LYS C 24 -13.46 -2.26 11.96
N TYR C 25 -12.38 -3.06 11.95
CA TYR C 25 -10.99 -2.60 11.63
C TYR C 25 -10.38 -3.57 10.59
N GLN C 26 -10.36 -3.14 9.33
CA GLN C 26 -10.02 -4.05 8.26
C GLN C 26 -8.52 -4.41 8.23
N GLY C 27 -7.67 -3.55 8.76
CA GLY C 27 -6.21 -3.73 8.63
C GLY C 27 -5.67 -3.68 7.19
N SER C 28 -4.55 -4.37 6.96
CA SER C 28 -3.87 -4.47 5.63
C SER C 28 -4.48 -5.54 4.71
N CYS C 29 -5.78 -5.77 4.86
CA CYS C 29 -6.51 -6.63 3.93
C CYS C 29 -7.52 -5.70 3.27
N GLY C 30 -7.66 -5.75 1.95
CA GLY C 30 -8.58 -4.88 1.24
C GLY C 30 -10.00 -5.42 1.26
N ALA C 31 -10.56 -5.49 2.45
CA ALA C 31 -11.91 -6.11 2.69
C ALA C 31 -13.03 -5.07 2.90
N CYS C 32 -12.77 -3.81 2.57
CA CYS C 32 -13.74 -2.74 2.77
C CYS C 32 -15.11 -3.13 2.20
N TRP C 33 -15.11 -3.70 0.99
CA TRP C 33 -16.34 -4.14 0.27
C TRP C 33 -17.16 -5.21 1.03
N ALA C 34 -16.45 -6.05 1.78
CA ALA C 34 -17.06 -7.10 2.56
C ALA C 34 -17.66 -6.51 3.81
N PHE C 35 -16.97 -5.58 4.45
CA PHE C 35 -17.54 -4.87 5.62
C PHE C 35 -18.69 -3.95 5.25
N SER C 36 -18.59 -3.30 4.10
CA SER C 36 -19.70 -2.57 3.52
C SER C 36 -20.90 -3.53 3.34
N ALA C 37 -20.69 -4.67 2.69
CA ALA C 37 -21.76 -5.57 2.37
C ALA C 37 -22.40 -6.18 3.62
N VAL C 38 -21.61 -6.75 4.54
CA VAL C 38 -22.18 -7.27 5.81
C VAL C 38 -22.92 -6.19 6.58
N GLY C 39 -22.38 -4.97 6.59
CA GLY C 39 -23.07 -3.84 7.21
C GLY C 39 -24.49 -3.57 6.71
N ALA C 40 -24.65 -3.66 5.39
CA ALA C 40 -25.94 -3.46 4.77
C ALA C 40 -26.91 -4.58 5.13
N LEU C 41 -26.46 -5.81 5.03
CA LEU C 41 -27.29 -6.93 5.45
C LEU C 41 -27.62 -6.93 6.94
N GLU C 42 -26.62 -6.61 7.76
CA GLU C 42 -26.80 -6.42 9.21
C GLU C 42 -28.00 -5.53 9.51
N GLY C 43 -28.05 -4.40 8.81
CA GLY C 43 -29.14 -3.45 8.91
C GLY C 43 -30.48 -4.14 8.68
N GLN C 44 -30.65 -4.64 7.46
CA GLN C 44 -31.84 -5.38 7.06
C GLN C 44 -32.26 -6.47 8.05
N LEU C 45 -31.29 -7.19 8.61
CA LEU C 45 -31.57 -8.28 9.57
C LEU C 45 -32.14 -7.78 10.88
N LYS C 46 -31.64 -6.63 11.35
CA LYS C 46 -32.20 -5.97 12.51
C LYS C 46 -33.59 -5.43 12.21
N LEU C 47 -33.77 -4.84 11.02
CA LEU C 47 -35.06 -4.30 10.64
C LEU C 47 -36.12 -5.39 10.47
N LYS C 48 -35.70 -6.64 10.21
CA LYS C 48 -36.63 -7.72 9.89
C LYS C 48 -36.81 -8.77 10.98
N THR C 49 -35.81 -9.01 11.82
CA THR C 49 -35.94 -10.00 12.87
C THR C 49 -35.78 -9.42 14.27
N GLY C 50 -35.48 -8.13 14.38
CA GLY C 50 -35.18 -7.52 15.68
C GLY C 50 -33.79 -7.79 16.27
N LYS C 51 -33.00 -8.65 15.62
CA LYS C 51 -31.70 -9.05 16.13
C LYS C 51 -30.55 -8.31 15.41
N LEU C 52 -29.67 -7.67 16.18
CA LEU C 52 -28.51 -6.99 15.64
C LEU C 52 -27.30 -7.90 15.81
N ILE C 53 -26.72 -8.38 14.71
CA ILE C 53 -25.63 -9.35 14.74
C ILE C 53 -24.55 -8.99 13.70
N SER C 54 -23.29 -8.91 14.11
CA SER C 54 -22.19 -8.71 13.17
C SER C 54 -22.02 -9.92 12.30
N LEU C 55 -22.26 -9.77 11.01
CA LEU C 55 -22.07 -10.88 10.04
C LEU C 55 -20.59 -11.01 9.59
N SER C 56 -20.25 -12.16 8.98
CA SER C 56 -18.85 -12.54 8.70
C SER C 56 -18.28 -11.92 7.41
N ALA C 57 -17.50 -10.87 7.59
CA ALA C 57 -16.65 -10.35 6.51
C ALA C 57 -15.65 -11.40 6.00
N GLN C 58 -14.98 -12.11 6.91
CA GLN C 58 -14.11 -13.22 6.52
C GLN C 58 -14.76 -14.22 5.54
N ASN C 59 -16.04 -14.54 5.76
CA ASN C 59 -16.76 -15.55 4.96
C ASN C 59 -16.83 -15.08 3.54
N LEU C 60 -17.09 -13.79 3.37
CA LEU C 60 -17.12 -13.19 2.02
C LEU C 60 -15.72 -13.21 1.37
N VAL C 61 -14.71 -12.86 2.17
CA VAL C 61 -13.30 -12.82 1.76
C VAL C 61 -12.81 -14.19 1.26
N ASP C 62 -12.88 -15.20 2.11
CA ASP C 62 -12.48 -16.56 1.72
C ASP C 62 -13.32 -17.15 0.57
N CYS C 63 -14.64 -16.94 0.58
CA CYS C 63 -15.52 -17.81 -0.23
C CYS C 63 -15.99 -17.31 -1.57
N SER C 64 -15.79 -16.02 -1.88
CA SER C 64 -16.24 -15.46 -3.14
C SER C 64 -15.06 -15.11 -4.04
N ASN C 65 -13.86 -15.53 -3.65
CA ASN C 65 -12.65 -15.18 -4.42
C ASN C 65 -12.56 -16.14 -5.59
N GLU C 66 -13.40 -15.92 -6.60
CA GLU C 66 -13.42 -16.78 -7.76
C GLU C 66 -14.02 -16.09 -8.97
N GLU C 67 -13.83 -16.73 -10.12
CA GLU C 67 -14.13 -16.14 -11.41
C GLU C 67 -15.59 -15.71 -11.47
N LYS C 68 -16.43 -16.58 -10.90
CA LYS C 68 -17.89 -16.39 -10.83
C LYS C 68 -18.32 -15.05 -10.20
N TYR C 69 -17.55 -14.52 -9.26
CA TYR C 69 -17.94 -13.27 -8.61
C TYR C 69 -17.05 -12.10 -9.00
N GLY C 70 -15.74 -12.31 -9.03
CA GLY C 70 -14.82 -11.24 -9.43
C GLY C 70 -14.27 -10.51 -8.22
N ASN C 71 -14.68 -10.94 -7.03
CA ASN C 71 -14.04 -10.47 -5.82
C ASN C 71 -12.63 -11.10 -5.72
N LYS C 72 -11.71 -10.39 -5.09
CA LYS C 72 -10.30 -10.80 -5.01
C LYS C 72 -9.89 -10.90 -3.55
N GLY C 73 -10.84 -11.22 -2.69
CA GLY C 73 -10.57 -11.29 -1.26
C GLY C 73 -9.90 -10.04 -0.71
N CYS C 74 -8.77 -10.21 -0.03
CA CYS C 74 -8.02 -9.04 0.47
C CYS C 74 -7.47 -8.09 -0.60
N GLY C 75 -7.61 -8.45 -1.88
CA GLY C 75 -7.27 -7.56 -3.02
C GLY C 75 -8.34 -6.54 -3.41
N GLY C 76 -9.51 -6.65 -2.77
CA GLY C 76 -10.66 -5.84 -3.10
C GLY C 76 -11.77 -6.68 -3.69
N GLY C 77 -12.90 -6.04 -3.95
CA GLY C 77 -14.13 -6.79 -4.19
C GLY C 77 -15.30 -5.88 -4.36
N TYR C 78 -16.45 -6.42 -4.79
CA TYR C 78 -17.59 -5.61 -5.09
C TYR C 78 -18.70 -5.98 -4.09
N MET C 79 -19.36 -4.96 -3.58
CA MET C 79 -20.44 -5.20 -2.64
C MET C 79 -21.59 -5.92 -3.33
N THR C 80 -21.85 -5.58 -4.59
CA THR C 80 -22.94 -6.24 -5.33
C THR C 80 -22.68 -7.74 -5.46
N GLU C 81 -21.44 -8.10 -5.73
CA GLU C 81 -21.03 -9.52 -5.85
C GLU C 81 -20.99 -10.28 -4.55
N ALA C 82 -20.72 -9.58 -3.46
CA ALA C 82 -20.80 -10.16 -2.14
C ALA C 82 -22.24 -10.63 -1.89
N PHE C 83 -23.21 -9.76 -2.18
CA PHE C 83 -24.63 -10.09 -2.03
C PHE C 83 -24.97 -11.30 -2.90
N GLN C 84 -24.58 -11.26 -4.17
CA GLN C 84 -24.76 -12.42 -5.06
C GLN C 84 -24.25 -13.72 -4.42
N TYR C 85 -23.04 -13.72 -3.86
CA TYR C 85 -22.51 -14.91 -3.18
C TYR C 85 -23.45 -15.41 -2.05
N ILE C 86 -23.94 -14.50 -1.23
CA ILE C 86 -24.83 -14.88 -0.15
C ILE C 86 -26.12 -15.53 -0.71
N ILE C 87 -26.64 -14.98 -1.80
CA ILE C 87 -27.79 -15.54 -2.49
C ILE C 87 -27.40 -16.96 -2.95
N ASP C 88 -26.38 -17.07 -3.81
CA ASP C 88 -25.91 -18.38 -4.33
C ASP C 88 -25.64 -19.40 -3.25
N ASN C 89 -25.03 -18.94 -2.17
CA ASN C 89 -24.60 -19.80 -1.09
C ASN C 89 -25.74 -20.22 -0.16
N GLY C 90 -26.89 -19.55 -0.24
CA GLY C 90 -27.98 -19.81 0.68
C GLY C 90 -27.71 -19.27 2.07
N GLY C 91 -26.77 -18.33 2.19
CA GLY C 91 -26.53 -17.73 3.49
C GLY C 91 -25.14 -17.22 3.79
N ILE C 92 -24.99 -16.72 5.00
CA ILE C 92 -23.72 -16.24 5.50
C ILE C 92 -23.68 -16.51 7.00
N GLU C 93 -22.50 -16.85 7.49
CA GLU C 93 -22.22 -17.02 8.91
C GLU C 93 -22.08 -15.70 9.65
N ALA C 94 -22.21 -15.78 10.97
CA ALA C 94 -21.99 -14.65 11.83
C ALA C 94 -20.49 -14.48 12.06
N ASP C 95 -20.08 -13.27 12.41
CA ASP C 95 -18.69 -13.01 12.72
C ASP C 95 -18.20 -13.94 13.87
N ALA C 96 -19.09 -14.25 14.83
CA ALA C 96 -18.76 -15.08 16.00
C ALA C 96 -18.18 -16.45 15.65
N SER C 97 -18.79 -17.11 14.67
CA SER C 97 -18.34 -18.43 14.25
C SER C 97 -17.33 -18.39 13.08
N TYR C 98 -17.34 -17.31 12.29
CA TYR C 98 -16.43 -17.19 11.14
C TYR C 98 -15.68 -15.83 11.22
N PRO C 99 -14.76 -15.71 12.20
CA PRO C 99 -14.17 -14.44 12.63
C PRO C 99 -13.15 -13.86 11.64
N TYR C 100 -12.89 -12.56 11.76
CA TYR C 100 -12.08 -11.83 10.77
C TYR C 100 -10.57 -11.98 10.97
N LYS C 101 -9.86 -12.44 9.95
CA LYS C 101 -8.40 -12.67 10.06
C LYS C 101 -7.55 -11.72 9.23
N ALA C 102 -8.18 -10.89 8.41
CA ALA C 102 -7.45 -9.96 7.58
C ALA C 102 -6.41 -10.65 6.67
N MET C 103 -6.73 -11.87 6.22
N MET C 103 -6.77 -11.87 6.23
CA MET C 103 -5.87 -12.65 5.35
CA MET C 103 -5.94 -12.76 5.44
C MET C 103 -6.76 -13.58 4.53
C MET C 103 -6.84 -13.50 4.46
N ASP C 104 -6.28 -13.98 3.35
CA ASP C 104 -7.04 -14.84 2.44
C ASP C 104 -6.82 -16.28 2.87
N GLU C 105 -7.91 -16.96 3.28
CA GLU C 105 -7.87 -18.36 3.78
C GLU C 105 -8.84 -19.21 3.01
N LYS C 106 -8.81 -20.52 3.24
CA LYS C 106 -9.69 -21.41 2.49
C LYS C 106 -11.11 -21.29 3.01
N CYS C 107 -12.08 -21.38 2.11
CA CYS C 107 -13.48 -21.30 2.50
C CYS C 107 -13.76 -22.39 3.50
N HIS C 108 -14.52 -22.07 4.54
CA HIS C 108 -15.02 -23.08 5.45
C HIS C 108 -16.42 -22.71 6.01
N TYR C 109 -17.31 -22.32 5.10
CA TYR C 109 -18.69 -21.98 5.45
C TYR C 109 -19.42 -23.25 5.88
N ASN C 110 -20.10 -23.15 7.03
CA ASN C 110 -20.85 -24.26 7.63
C ASN C 110 -22.33 -23.86 7.75
N SER C 111 -23.16 -24.36 6.85
CA SER C 111 -24.60 -24.01 6.80
C SER C 111 -25.36 -24.15 8.13
N LYS C 112 -24.81 -24.91 9.08
CA LYS C 112 -25.37 -24.98 10.43
C LYS C 112 -25.15 -23.70 11.24
N ASN C 113 -24.20 -22.87 10.84
CA ASN C 113 -23.93 -21.58 11.51
C ASN C 113 -24.52 -20.39 10.75
N ARG C 114 -25.37 -20.70 9.76
CA ARG C 114 -26.11 -19.68 9.02
C ARG C 114 -26.71 -18.66 9.98
N ALA C 115 -26.51 -17.39 9.68
CA ALA C 115 -27.01 -16.29 10.49
C ALA C 115 -27.86 -15.28 9.70
N ALA C 116 -27.82 -15.36 8.38
CA ALA C 116 -28.61 -14.47 7.54
C ALA C 116 -28.65 -15.04 6.16
N THR C 117 -29.67 -14.66 5.41
CA THR C 117 -29.78 -14.99 4.00
C THR C 117 -30.08 -13.70 3.30
N CYS C 118 -30.04 -13.75 1.99
CA CYS C 118 -30.39 -12.63 1.18
C CYS C 118 -30.95 -13.30 -0.05
N SER C 119 -31.91 -12.64 -0.70
CA SER C 119 -32.58 -13.23 -1.85
C SER C 119 -32.41 -12.37 -3.09
N ARG C 120 -32.37 -11.05 -2.94
CA ARG C 120 -32.02 -10.15 -4.02
C ARG C 120 -31.32 -8.91 -3.48
N TYR C 121 -30.73 -8.12 -4.36
CA TYR C 121 -30.20 -6.80 -4.00
C TYR C 121 -30.64 -5.78 -5.05
N ILE C 122 -30.67 -4.51 -4.67
CA ILE C 122 -31.04 -3.41 -5.51
C ILE C 122 -29.85 -2.47 -5.77
N GLN C 123 -29.71 -2.05 -7.03
CA GLN C 123 -28.76 -1.04 -7.36
C GLN C 123 -29.52 0.21 -7.69
N LEU C 124 -28.98 1.35 -7.28
CA LEU C 124 -29.60 2.66 -7.49
C LEU C 124 -29.12 3.37 -8.74
N PRO C 125 -29.96 4.25 -9.32
CA PRO C 125 -29.50 4.92 -10.55
C PRO C 125 -28.15 5.64 -10.34
N PHE C 126 -27.25 5.59 -11.34
CA PHE C 126 -25.90 6.14 -11.21
C PHE C 126 -25.97 7.60 -10.90
N GLY C 127 -25.26 8.02 -9.84
CA GLY C 127 -25.09 9.45 -9.52
C GLY C 127 -26.28 10.21 -8.94
N ASP C 128 -27.30 9.51 -8.49
CA ASP C 128 -28.55 10.13 -8.09
C ASP C 128 -28.59 10.25 -6.57
N GLU C 129 -28.30 11.42 -6.04
CA GLU C 129 -28.29 11.58 -4.58
C GLU C 129 -29.72 11.56 -3.98
N ASP C 130 -30.73 12.01 -4.74
CA ASP C 130 -32.14 11.95 -4.27
C ASP C 130 -32.55 10.53 -4.16
N ALA C 131 -32.07 9.69 -5.06
CA ALA C 131 -32.42 8.26 -4.97
C ALA C 131 -31.71 7.59 -3.82
N LEU C 132 -30.52 8.05 -3.49
CA LEU C 132 -29.81 7.50 -2.34
C LEU C 132 -30.43 8.02 -1.03
N LYS C 133 -30.81 9.29 -0.99
CA LYS C 133 -31.56 9.82 0.15
C LYS C 133 -32.79 8.95 0.41
N GLU C 134 -33.54 8.74 -0.66
CA GLU C 134 -34.80 7.99 -0.61
C GLU C 134 -34.62 6.58 -0.08
N ALA C 135 -33.56 5.91 -0.55
CA ALA C 135 -33.25 4.58 -0.08
C ALA C 135 -32.75 4.55 1.40
N VAL C 136 -31.89 5.51 1.80
CA VAL C 136 -31.42 5.50 3.19
C VAL C 136 -32.61 5.71 4.16
N ALA C 137 -33.48 6.65 3.80
CA ALA C 137 -34.69 7.00 4.58
C ALA C 137 -35.62 5.80 4.73
N THR C 138 -35.94 5.17 3.59
CA THR C 138 -37.00 4.16 3.57
C THR C 138 -36.59 2.71 3.66
N LYS C 139 -35.35 2.36 3.29
CA LYS C 139 -34.97 0.95 3.24
C LYS C 139 -34.00 0.57 4.34
N GLY C 140 -33.00 1.41 4.55
CA GLY C 140 -31.99 1.12 5.57
C GLY C 140 -30.62 1.56 5.11
N PRO C 141 -29.56 1.14 5.85
CA PRO C 141 -28.20 1.49 5.44
C PRO C 141 -27.88 1.00 4.02
N VAL C 142 -27.11 1.79 3.26
CA VAL C 142 -26.82 1.49 1.87
C VAL C 142 -25.31 1.37 1.59
N SER C 143 -24.92 0.29 0.94
CA SER C 143 -23.55 0.13 0.43
C SER C 143 -23.23 1.08 -0.70
N VAL C 144 -22.09 1.77 -0.59
CA VAL C 144 -21.65 2.67 -1.63
C VAL C 144 -20.11 2.66 -1.80
N GLY C 145 -19.67 3.07 -2.98
CA GLY C 145 -18.24 3.29 -3.24
C GLY C 145 -17.97 4.78 -3.22
N ILE C 146 -16.78 5.15 -2.73
CA ILE C 146 -16.33 6.54 -2.67
C ILE C 146 -14.87 6.60 -3.07
N ASP C 147 -14.41 7.78 -3.51
CA ASP C 147 -12.97 8.10 -3.60
C ASP C 147 -12.48 8.52 -2.23
N ALA C 148 -11.83 7.60 -1.52
CA ALA C 148 -11.26 7.85 -0.22
C ALA C 148 -9.72 7.80 -0.31
N SER C 149 -9.18 8.22 -1.45
CA SER C 149 -7.73 8.13 -1.69
C SER C 149 -6.88 9.30 -1.19
N HIS C 150 -7.51 10.42 -0.83
CA HIS C 150 -6.77 11.66 -0.56
C HIS C 150 -6.43 11.85 0.89
N SER C 151 -5.25 12.38 1.12
CA SER C 151 -4.76 12.50 2.49
C SER C 151 -5.67 13.28 3.46
N SER C 152 -6.32 14.33 3.00
CA SER C 152 -7.36 15.00 3.83
C SER C 152 -8.52 14.06 4.26
N PHE C 153 -8.78 12.97 3.51
CA PHE C 153 -9.75 11.98 3.94
C PHE C 153 -9.24 11.26 5.18
N PHE C 154 -7.97 10.88 5.16
CA PHE C 154 -7.43 10.09 6.27
C PHE C 154 -7.36 10.98 7.52
N PHE C 155 -7.07 12.27 7.34
CA PHE C 155 -6.85 13.21 8.44
C PHE C 155 -8.16 13.75 9.03
N TYR C 156 -9.30 13.44 8.40
CA TYR C 156 -10.63 13.90 8.85
C TYR C 156 -10.93 13.60 10.32
N LYS C 157 -11.44 14.62 11.00
CA LYS C 157 -11.83 14.48 12.39
C LYS C 157 -13.28 14.85 12.65
N SER C 158 -13.74 15.94 12.08
CA SER C 158 -15.12 16.36 12.30
C SER C 158 -15.61 17.33 11.22
N GLY C 159 -16.88 17.72 11.28
CA GLY C 159 -17.45 18.65 10.31
C GLY C 159 -17.81 17.86 9.06
N VAL C 160 -17.89 18.52 7.92
CA VAL C 160 -18.44 17.93 6.71
C VAL C 160 -17.34 17.92 5.71
N TYR C 161 -16.91 16.72 5.31
CA TYR C 161 -15.76 16.59 4.41
C TYR C 161 -16.13 17.04 3.00
N ASP C 162 -15.38 18.00 2.46
CA ASP C 162 -15.64 18.57 1.13
C ASP C 162 -14.33 19.12 0.60
N ASP C 163 -13.48 18.20 0.14
CA ASP C 163 -12.16 18.45 -0.37
C ASP C 163 -12.33 18.59 -1.88
N PRO C 164 -11.96 19.76 -2.44
CA PRO C 164 -12.00 19.86 -3.90
C PRO C 164 -11.14 18.85 -4.68
N SER C 165 -10.17 18.22 -4.03
N SER C 165 -10.18 18.21 -4.00
CA SER C 165 -9.31 17.26 -4.73
CA SER C 165 -9.28 17.22 -4.61
C SER C 165 -9.98 15.88 -4.97
C SER C 165 -9.97 15.90 -4.96
N CYS C 166 -11.13 15.66 -4.35
CA CYS C 166 -11.84 14.41 -4.52
C CYS C 166 -12.32 14.29 -5.95
N THR C 167 -12.48 13.07 -6.44
CA THR C 167 -12.92 12.85 -7.82
C THR C 167 -14.01 11.86 -7.75
N GLY C 168 -14.60 11.56 -8.90
CA GLY C 168 -15.59 10.50 -9.01
C GLY C 168 -15.00 9.12 -9.22
N ASN C 169 -13.68 9.00 -9.16
N ASN C 169 -13.67 9.02 -9.22
CA ASN C 169 -13.05 7.73 -9.45
CA ASN C 169 -13.02 7.72 -9.39
C ASN C 169 -12.94 6.95 -8.15
C ASN C 169 -13.00 7.03 -8.06
N VAL C 170 -14.02 6.23 -7.80
CA VAL C 170 -14.17 5.64 -6.50
C VAL C 170 -13.23 4.45 -6.35
N ASN C 171 -12.83 4.21 -5.11
CA ASN C 171 -11.92 3.11 -4.82
C ASN C 171 -12.13 2.40 -3.46
N HIS C 172 -13.10 2.86 -2.67
CA HIS C 172 -13.34 2.27 -1.36
C HIS C 172 -14.84 2.06 -1.08
N GLY C 173 -15.22 0.84 -0.69
CA GLY C 173 -16.58 0.52 -0.31
C GLY C 173 -16.87 0.87 1.15
N VAL C 174 -17.91 1.68 1.38
CA VAL C 174 -18.35 2.05 2.74
C VAL C 174 -19.87 1.86 2.92
N LEU C 175 -20.40 2.21 4.10
CA LEU C 175 -21.82 2.15 4.46
C LEU C 175 -22.40 3.54 4.87
N VAL C 176 -23.38 4.00 4.08
CA VAL C 176 -24.13 5.21 4.37
C VAL C 176 -25.24 4.82 5.36
N VAL C 177 -25.15 5.33 6.58
CA VAL C 177 -26.13 4.98 7.63
C VAL C 177 -27.03 6.18 7.93
N GLY C 178 -26.88 7.25 7.18
CA GLY C 178 -27.71 8.40 7.41
C GLY C 178 -27.34 9.61 6.65
N TYR C 179 -27.99 10.71 7.00
CA TYR C 179 -27.75 11.99 6.35
C TYR C 179 -28.41 13.11 7.13
N GLY C 180 -28.01 14.32 6.83
CA GLY C 180 -28.61 15.47 7.49
C GLY C 180 -28.01 16.73 6.95
N THR C 181 -28.01 17.77 7.78
CA THR C 181 -27.37 19.04 7.47
C THR C 181 -26.70 19.50 8.74
N LEU C 182 -25.44 19.94 8.63
CA LEU C 182 -24.69 20.47 9.75
C LEU C 182 -24.12 21.80 9.29
N ASP C 183 -24.44 22.88 10.00
CA ASP C 183 -23.87 24.22 9.73
C ASP C 183 -24.26 24.72 8.34
N GLY C 184 -25.45 24.34 7.90
CA GLY C 184 -25.91 24.67 6.56
C GLY C 184 -25.45 23.74 5.45
N LYS C 185 -24.49 22.84 5.72
CA LYS C 185 -23.96 21.93 4.67
C LYS C 185 -24.62 20.57 4.78
N ASP C 186 -25.22 20.14 3.68
CA ASP C 186 -25.80 18.79 3.56
C ASP C 186 -24.71 17.73 3.62
N TYR C 187 -24.97 16.62 4.29
CA TYR C 187 -23.94 15.60 4.42
C TYR C 187 -24.56 14.21 4.34
N TRP C 188 -23.71 13.26 3.95
CA TRP C 188 -23.98 11.83 4.13
C TRP C 188 -23.29 11.28 5.39
N LEU C 189 -23.98 10.44 6.16
CA LEU C 189 -23.35 9.82 7.35
C LEU C 189 -22.73 8.48 6.99
N VAL C 190 -21.39 8.44 6.95
CA VAL C 190 -20.65 7.25 6.47
C VAL C 190 -19.94 6.45 7.57
N LYS C 191 -20.27 5.17 7.67
CA LYS C 191 -19.55 4.18 8.50
C LYS C 191 -18.41 3.53 7.71
N ASN C 192 -17.17 3.72 8.20
CA ASN C 192 -16.01 3.08 7.62
C ASN C 192 -15.65 1.83 8.42
N SER C 193 -14.62 1.11 7.96
CA SER C 193 -14.15 -0.12 8.52
C SER C 193 -12.65 0.08 8.90
N TRP C 194 -12.33 1.23 9.46
CA TRP C 194 -10.97 1.57 9.73
C TRP C 194 -10.81 1.71 11.23
N GLY C 195 -11.70 1.09 12.03
CA GLY C 195 -11.70 1.21 13.48
C GLY C 195 -12.05 2.58 14.01
N LEU C 196 -12.04 2.71 15.33
CA LEU C 196 -12.58 3.92 16.00
C LEU C 196 -11.70 5.16 15.93
N ASN C 197 -10.41 4.97 15.67
CA ASN C 197 -9.49 6.10 15.58
C ASN C 197 -9.53 6.86 14.27
N PHE C 198 -10.25 6.34 13.29
CA PHE C 198 -10.48 7.11 12.09
C PHE C 198 -11.67 8.03 12.30
N GLY C 199 -11.58 9.24 11.78
CA GLY C 199 -12.73 10.15 11.72
C GLY C 199 -13.41 10.34 13.06
N ASP C 200 -14.74 10.38 13.06
CA ASP C 200 -15.52 10.57 14.28
C ASP C 200 -16.00 9.22 14.84
N GLN C 201 -15.23 8.67 15.77
CA GLN C 201 -15.42 7.25 16.22
C GLN C 201 -15.73 6.33 15.05
N GLY C 202 -14.95 6.44 13.98
CA GLY C 202 -15.08 5.52 12.86
C GLY C 202 -15.99 5.96 11.73
N TYR C 203 -16.61 7.12 11.90
CA TYR C 203 -17.58 7.71 10.97
C TYR C 203 -17.01 8.99 10.35
N ILE C 204 -17.51 9.36 9.17
CA ILE C 204 -17.15 10.59 8.48
C ILE C 204 -18.43 11.16 7.84
N ARG C 205 -18.55 12.47 7.87
CA ARG C 205 -19.68 13.14 7.24
C ARG C 205 -19.15 13.72 5.97
N MET C 206 -19.72 13.31 4.84
CA MET C 206 -19.24 13.72 3.54
C MET C 206 -20.31 14.53 2.82
N ALA C 207 -19.86 15.51 2.04
CA ALA C 207 -20.70 16.45 1.33
C ALA C 207 -21.78 15.79 0.51
N ARG C 208 -23.04 16.15 0.81
CA ARG C 208 -24.23 15.73 0.08
C ARG C 208 -24.76 16.87 -0.81
N ASN C 209 -25.38 16.51 -1.94
CA ASN C 209 -25.89 17.49 -2.92
C ASN C 209 -24.82 18.46 -3.38
N ASN C 210 -23.59 18.01 -3.43
CA ASN C 210 -22.47 18.78 -3.93
C ASN C 210 -21.90 18.03 -5.15
N LYS C 211 -22.78 17.87 -6.15
CA LYS C 211 -22.46 17.23 -7.42
C LYS C 211 -21.79 15.83 -7.28
N ASN C 212 -22.45 14.93 -6.55
CA ASN C 212 -21.99 13.52 -6.37
C ASN C 212 -20.52 13.50 -5.96
N HIS C 213 -20.25 14.25 -4.88
CA HIS C 213 -18.90 14.45 -4.36
C HIS C 213 -18.22 13.12 -3.95
N CYS C 214 -16.95 12.97 -4.32
CA CYS C 214 -16.21 11.69 -4.14
C CYS C 214 -16.92 10.47 -4.74
N GLY C 215 -17.84 10.72 -5.66
CA GLY C 215 -18.63 9.66 -6.30
C GLY C 215 -19.58 8.89 -5.41
N ILE C 216 -20.04 9.50 -4.32
CA ILE C 216 -20.73 8.76 -3.27
C ILE C 216 -22.04 8.14 -3.78
N ALA C 217 -22.68 8.76 -4.76
CA ALA C 217 -23.91 8.23 -5.33
C ALA C 217 -23.70 7.44 -6.65
N SER C 218 -22.45 7.14 -6.98
CA SER C 218 -22.10 6.40 -8.23
C SER C 218 -22.49 4.92 -8.28
N TYR C 219 -22.16 4.14 -7.26
CA TYR C 219 -22.31 2.68 -7.25
C TYR C 219 -22.98 2.23 -5.95
N CYS C 220 -24.28 2.51 -5.81
CA CYS C 220 -25.02 2.20 -4.58
C CYS C 220 -25.90 0.96 -4.72
N SER C 221 -25.85 0.12 -3.69
CA SER C 221 -26.64 -1.09 -3.59
C SER C 221 -27.01 -1.43 -2.12
N TYR C 222 -28.09 -2.19 -1.94
CA TYR C 222 -28.47 -2.78 -0.64
C TYR C 222 -29.18 -4.12 -0.82
N PRO C 223 -29.10 -4.99 0.20
CA PRO C 223 -29.72 -6.26 0.04
C PRO C 223 -31.13 -6.22 0.58
N GLU C 224 -31.88 -7.25 0.23
CA GLU C 224 -33.23 -7.48 0.69
C GLU C 224 -33.14 -8.92 1.21
N ILE C 225 -33.60 -9.15 2.43
CA ILE C 225 -33.69 -10.52 2.94
C ILE C 225 -34.92 -11.15 2.31
N THR D 7 -21.48 -13.72 -17.12
CA THR D 7 -20.66 -14.44 -18.13
C THR D 7 -20.49 -13.68 -19.43
N LEU D 8 -19.25 -13.34 -19.72
CA LEU D 8 -18.93 -12.48 -20.83
C LEU D 8 -18.64 -13.33 -22.06
N PRO D 9 -18.81 -12.75 -23.25
CA PRO D 9 -18.40 -13.42 -24.48
C PRO D 9 -16.87 -13.63 -24.54
N ASP D 10 -16.46 -14.74 -25.18
CA ASP D 10 -15.03 -15.10 -25.30
C ASP D 10 -14.31 -14.22 -26.29
N THR D 11 -15.06 -13.59 -27.18
CA THR D 11 -14.54 -12.81 -28.26
C THR D 11 -15.38 -11.59 -28.50
N VAL D 12 -14.73 -10.43 -28.61
CA VAL D 12 -15.38 -9.18 -28.94
C VAL D 12 -14.58 -8.44 -30.04
N ASP D 13 -15.30 -7.74 -30.93
CA ASP D 13 -14.68 -6.94 -31.96
C ASP D 13 -15.66 -5.89 -32.43
N TRP D 14 -15.56 -4.66 -31.91
CA TRP D 14 -16.53 -3.61 -32.24
C TRP D 14 -16.55 -3.14 -33.69
N ARG D 15 -15.59 -3.61 -34.48
CA ARG D 15 -15.59 -3.35 -35.91
C ARG D 15 -16.77 -4.06 -36.57
N GLU D 16 -17.01 -5.30 -36.18
CA GLU D 16 -18.14 -6.10 -36.65
C GLU D 16 -19.49 -5.44 -36.41
N LYS D 17 -19.54 -4.43 -35.56
CA LYS D 17 -20.79 -3.82 -35.16
C LYS D 17 -20.86 -2.42 -35.71
N GLY D 18 -19.92 -2.04 -36.57
CA GLY D 18 -19.92 -0.71 -37.16
C GLY D 18 -19.58 0.48 -36.26
N CYS D 19 -18.83 0.23 -35.18
CA CYS D 19 -18.58 1.30 -34.17
C CYS D 19 -17.19 1.96 -34.27
N VAL D 20 -16.39 1.55 -35.27
CA VAL D 20 -15.01 2.00 -35.39
C VAL D 20 -14.71 2.68 -36.74
N THR D 21 -14.22 3.91 -36.67
CA THR D 21 -13.86 4.66 -37.84
C THR D 21 -12.64 4.05 -38.49
N GLU D 22 -12.31 4.53 -39.68
CA GLU D 22 -11.06 4.19 -40.31
C GLU D 22 -9.86 4.55 -39.42
N VAL D 23 -8.83 3.73 -39.55
CA VAL D 23 -7.55 3.97 -38.97
C VAL D 23 -7.03 5.33 -39.45
N LYS D 24 -6.53 6.11 -38.50
CA LYS D 24 -5.95 7.41 -38.79
C LYS D 24 -4.42 7.37 -38.74
N TYR D 25 -3.82 8.48 -39.17
CA TYR D 25 -2.37 8.64 -39.26
C TYR D 25 -1.97 9.98 -38.67
N GLN D 26 -1.28 9.93 -37.52
CA GLN D 26 -1.05 11.15 -36.75
C GLN D 26 0.11 11.99 -37.31
N GLY D 27 0.98 11.34 -38.05
CA GLY D 27 2.14 12.04 -38.58
C GLY D 27 3.14 12.44 -37.50
N SER D 28 3.68 13.65 -37.62
CA SER D 28 4.75 14.10 -36.72
C SER D 28 4.20 14.77 -35.47
N CYS D 29 2.89 14.89 -35.37
CA CYS D 29 2.26 15.47 -34.20
C CYS D 29 1.94 14.39 -33.16
N GLY D 30 2.35 14.62 -31.91
CA GLY D 30 2.08 13.65 -30.83
C GLY D 30 0.62 13.65 -30.38
N ALA D 31 -0.27 13.18 -31.23
CA ALA D 31 -1.72 13.33 -31.00
C ALA D 31 -2.42 11.99 -30.73
N CYS D 32 -1.65 10.99 -30.39
CA CYS D 32 -2.17 9.67 -30.11
C CYS D 32 -3.34 9.71 -29.11
N TRP D 33 -3.15 10.47 -28.05
CA TRP D 33 -4.17 10.69 -27.00
C TRP D 33 -5.47 11.27 -27.54
N ALA D 34 -5.35 12.16 -28.53
CA ALA D 34 -6.55 12.77 -29.15
C ALA D 34 -7.30 11.79 -30.03
N PHE D 35 -6.53 10.99 -30.79
CA PHE D 35 -7.13 9.92 -31.59
C PHE D 35 -7.77 8.84 -30.74
N SER D 36 -7.09 8.41 -29.68
CA SER D 36 -7.67 7.45 -28.74
C SER D 36 -9.05 7.92 -28.22
N ALA D 37 -9.08 9.18 -27.80
CA ALA D 37 -10.22 9.80 -27.14
C ALA D 37 -11.39 10.01 -28.09
N VAL D 38 -11.13 10.55 -29.28
CA VAL D 38 -12.24 10.71 -30.26
C VAL D 38 -12.66 9.32 -30.65
N GLY D 39 -11.70 8.41 -30.69
CA GLY D 39 -12.01 7.04 -31.02
C GLY D 39 -13.01 6.40 -30.07
N ALA D 40 -12.82 6.59 -28.76
CA ALA D 40 -13.79 6.11 -27.77
C ALA D 40 -15.15 6.79 -27.93
N LEU D 41 -15.15 8.10 -28.16
CA LEU D 41 -16.40 8.84 -28.32
C LEU D 41 -17.18 8.43 -29.58
N GLU D 42 -16.48 8.25 -30.69
CA GLU D 42 -17.05 7.71 -31.97
C GLU D 42 -17.82 6.42 -31.73
N GLY D 43 -17.23 5.52 -30.95
CA GLY D 43 -17.89 4.29 -30.57
C GLY D 43 -19.25 4.52 -29.89
N GLN D 44 -19.22 5.34 -28.85
CA GLN D 44 -20.43 5.71 -28.11
C GLN D 44 -21.48 6.49 -28.95
N LEU D 45 -21.01 7.44 -29.74
CA LEU D 45 -21.88 8.18 -30.67
C LEU D 45 -22.63 7.24 -31.59
N LYS D 46 -21.93 6.34 -32.28
CA LYS D 46 -22.57 5.34 -33.10
C LYS D 46 -23.51 4.42 -32.29
N LEU D 47 -23.13 4.08 -31.06
CA LEU D 47 -23.98 3.21 -30.24
C LEU D 47 -25.25 3.88 -29.82
N LYS D 48 -25.22 5.19 -29.61
CA LYS D 48 -26.39 5.92 -29.13
C LYS D 48 -27.23 6.61 -30.23
N THR D 49 -26.61 7.10 -31.29
CA THR D 49 -27.35 7.88 -32.29
C THR D 49 -27.36 7.24 -33.69
N GLY D 50 -26.85 6.02 -33.78
CA GLY D 50 -26.75 5.33 -35.06
C GLY D 50 -25.79 5.87 -36.09
N LYS D 51 -25.18 7.03 -35.87
CA LYS D 51 -24.27 7.61 -36.85
C LYS D 51 -22.79 7.34 -36.50
N LEU D 52 -22.02 6.84 -37.48
CA LEU D 52 -20.57 6.63 -37.36
C LEU D 52 -19.85 7.78 -38.04
N ILE D 53 -19.29 8.68 -37.23
CA ILE D 53 -18.66 9.90 -37.72
C ILE D 53 -17.30 10.15 -37.07
N SER D 54 -16.29 10.38 -37.90
CA SER D 54 -14.95 10.67 -37.39
C SER D 54 -14.98 12.01 -36.70
N LEU D 55 -14.63 12.02 -35.41
CA LEU D 55 -14.69 13.26 -34.64
C LEU D 55 -13.32 13.97 -34.70
N SER D 56 -13.28 15.23 -34.32
CA SER D 56 -12.08 16.03 -34.54
C SER D 56 -10.99 15.89 -33.45
N ALA D 57 -9.92 15.17 -33.78
CA ALA D 57 -8.72 15.13 -32.97
C ALA D 57 -8.05 16.51 -32.94
N GLN D 58 -8.11 17.23 -34.06
CA GLN D 58 -7.53 18.57 -34.10
C GLN D 58 -8.19 19.49 -33.08
N ASN D 59 -9.52 19.42 -32.95
CA ASN D 59 -10.27 20.19 -31.96
C ASN D 59 -9.64 20.00 -30.55
N LEU D 60 -9.28 18.75 -30.22
CA LEU D 60 -8.63 18.45 -28.93
C LEU D 60 -7.22 19.02 -28.85
N VAL D 61 -6.42 18.81 -29.91
CA VAL D 61 -5.06 19.31 -29.95
C VAL D 61 -5.00 20.81 -29.73
N ASP D 62 -5.86 21.54 -30.44
CA ASP D 62 -5.85 23.00 -30.43
C ASP D 62 -6.36 23.60 -29.11
N CYS D 63 -7.41 23.01 -28.57
CA CYS D 63 -8.23 23.70 -27.60
C CYS D 63 -8.02 23.27 -26.16
N SER D 64 -7.41 22.11 -25.95
CA SER D 64 -7.20 21.63 -24.59
C SER D 64 -5.76 21.85 -24.11
N ASN D 65 -4.97 22.61 -24.86
CA ASN D 65 -3.57 22.90 -24.51
C ASN D 65 -3.50 24.06 -23.53
N GLU D 66 -3.84 23.79 -22.28
CA GLU D 66 -3.81 24.81 -21.24
C GLU D 66 -3.78 24.19 -19.84
N GLU D 67 -3.50 25.03 -18.84
CA GLU D 67 -3.09 24.55 -17.52
C GLU D 67 -4.20 23.78 -16.84
N LYS D 68 -5.44 24.21 -17.07
CA LYS D 68 -6.63 23.46 -16.65
C LYS D 68 -6.52 21.94 -16.93
N TYR D 69 -6.02 21.57 -18.11
CA TYR D 69 -6.07 20.19 -18.56
C TYR D 69 -4.71 19.55 -18.55
N GLY D 70 -3.69 20.34 -18.85
CA GLY D 70 -2.33 19.85 -18.85
C GLY D 70 -1.99 18.93 -20.01
N ASN D 71 -2.86 18.94 -21.04
CA ASN D 71 -2.54 18.31 -22.33
C ASN D 71 -1.58 19.29 -23.01
N LYS D 72 -0.76 18.82 -23.93
CA LYS D 72 0.22 19.69 -24.57
C LYS D 72 0.13 19.72 -26.09
N GLY D 73 -1.05 19.49 -26.65
CA GLY D 73 -1.20 19.38 -28.10
C GLY D 73 -0.34 18.31 -28.75
N CYS D 74 0.50 18.73 -29.70
CA CYS D 74 1.36 17.82 -30.41
C CYS D 74 2.51 17.34 -29.53
N GLY D 75 2.62 17.90 -28.34
CA GLY D 75 3.55 17.39 -27.36
C GLY D 75 3.00 16.23 -26.54
N GLY D 76 1.75 15.83 -26.76
CA GLY D 76 1.14 14.71 -26.06
C GLY D 76 0.07 15.16 -25.11
N GLY D 77 -0.63 14.18 -24.53
CA GLY D 77 -1.75 14.51 -23.65
C GLY D 77 -2.47 13.33 -23.08
N TYR D 78 -3.61 13.61 -22.44
CA TYR D 78 -4.34 12.61 -21.70
C TYR D 78 -5.73 12.41 -22.26
N MET D 79 -6.13 11.17 -22.41
CA MET D 79 -7.49 10.83 -22.82
C MET D 79 -8.55 11.28 -21.80
N THR D 80 -8.29 11.09 -20.52
CA THR D 80 -9.23 11.58 -19.49
C THR D 80 -9.44 13.11 -19.59
N GLU D 81 -8.34 13.85 -19.74
CA GLU D 81 -8.44 15.30 -19.95
C GLU D 81 -9.15 15.75 -21.26
N ALA D 82 -8.96 15.01 -22.35
CA ALA D 82 -9.74 15.18 -23.56
C ALA D 82 -11.26 15.08 -23.28
N PHE D 83 -11.67 14.03 -22.57
CA PHE D 83 -13.06 13.82 -22.22
C PHE D 83 -13.59 15.00 -21.38
N GLN D 84 -12.73 15.52 -20.51
CA GLN D 84 -13.05 16.65 -19.65
C GLN D 84 -13.22 17.99 -20.40
N TYR D 85 -12.36 18.20 -21.39
CA TYR D 85 -12.47 19.34 -22.26
C TYR D 85 -13.79 19.31 -22.99
N ILE D 86 -14.12 18.14 -23.54
CA ILE D 86 -15.39 17.98 -24.26
C ILE D 86 -16.59 18.28 -23.36
N ILE D 87 -16.59 17.78 -22.14
CA ILE D 87 -17.66 18.07 -21.17
C ILE D 87 -17.68 19.58 -20.89
N ASP D 88 -16.53 20.13 -20.51
CA ASP D 88 -16.47 21.56 -20.21
C ASP D 88 -16.95 22.41 -21.39
N ASN D 89 -16.46 22.10 -22.59
CA ASN D 89 -16.74 22.87 -23.80
C ASN D 89 -18.19 22.71 -24.27
N GLY D 90 -18.89 21.68 -23.77
CA GLY D 90 -20.25 21.37 -24.22
C GLY D 90 -20.30 20.69 -25.58
N GLY D 91 -19.18 20.09 -26.03
CA GLY D 91 -19.16 19.32 -27.25
C GLY D 91 -17.88 19.40 -28.07
N ILE D 92 -17.92 18.79 -29.25
CA ILE D 92 -16.76 18.69 -30.13
C ILE D 92 -17.20 18.61 -31.61
N GLU D 93 -16.42 19.24 -32.49
CA GLU D 93 -16.66 19.20 -33.92
C GLU D 93 -16.27 17.86 -34.54
N ALA D 94 -16.88 17.50 -35.65
CA ALA D 94 -16.47 16.31 -36.43
C ALA D 94 -15.23 16.66 -37.20
N ASP D 95 -14.52 15.63 -37.66
CA ASP D 95 -13.26 15.78 -38.42
C ASP D 95 -13.46 16.57 -39.72
N ALA D 96 -14.54 16.26 -40.43
CA ALA D 96 -14.92 16.95 -41.66
C ALA D 96 -14.97 18.49 -41.49
N SER D 97 -15.59 19.00 -40.42
CA SER D 97 -15.67 20.45 -40.21
C SER D 97 -14.43 21.06 -39.54
N TYR D 98 -13.66 20.23 -38.82
CA TYR D 98 -12.45 20.67 -38.09
C TYR D 98 -11.30 19.69 -38.44
N PRO D 99 -10.69 19.85 -39.63
CA PRO D 99 -9.76 18.86 -40.20
C PRO D 99 -8.43 18.69 -39.45
N TYR D 100 -7.89 17.48 -39.44
CA TYR D 100 -6.60 17.23 -38.82
C TYR D 100 -5.46 17.85 -39.65
N LYS D 101 -4.59 18.59 -38.98
CA LYS D 101 -3.49 19.32 -39.61
C LYS D 101 -2.15 18.88 -39.07
N ALA D 102 -2.14 18.10 -37.98
CA ALA D 102 -0.91 17.59 -37.40
C ALA D 102 0.04 18.72 -37.00
N MET D 103 -0.52 19.78 -36.44
CA MET D 103 0.20 21.00 -36.04
C MET D 103 -0.57 21.59 -34.87
N ASP D 104 0.11 22.30 -34.00
CA ASP D 104 -0.59 23.06 -32.98
C ASP D 104 -1.09 24.32 -33.65
N GLU D 105 -2.39 24.60 -33.60
CA GLU D 105 -2.96 25.83 -34.14
C GLU D 105 -3.91 26.44 -33.13
N LYS D 106 -4.42 27.62 -33.44
CA LYS D 106 -5.30 28.35 -32.54
C LYS D 106 -6.70 27.72 -32.51
N CYS D 107 -7.31 27.64 -31.33
CA CYS D 107 -8.64 27.07 -31.23
C CYS D 107 -9.54 27.91 -32.11
N HIS D 108 -10.33 27.22 -32.96
CA HIS D 108 -11.39 27.88 -33.73
C HIS D 108 -12.62 27.01 -33.72
N TYR D 109 -12.94 26.47 -32.53
CA TYR D 109 -14.13 25.64 -32.34
C TYR D 109 -15.40 26.42 -32.68
N ASN D 110 -16.36 25.74 -33.29
CA ASN D 110 -17.65 26.33 -33.67
C ASN D 110 -18.81 25.46 -33.16
N SER D 111 -19.48 25.92 -32.10
CA SER D 111 -20.60 25.15 -31.51
C SER D 111 -21.74 24.86 -32.50
N LYS D 112 -21.81 25.66 -33.56
CA LYS D 112 -22.80 25.42 -34.63
C LYS D 112 -22.51 24.12 -35.36
N ASN D 113 -21.24 23.68 -35.32
CA ASN D 113 -20.81 22.43 -35.95
C ASN D 113 -20.69 21.24 -34.99
N ARG D 114 -21.05 21.45 -33.71
CA ARG D 114 -20.95 20.37 -32.71
C ARG D 114 -21.48 19.05 -33.25
N ALA D 115 -20.65 18.00 -33.25
CA ALA D 115 -21.03 16.68 -33.78
C ALA D 115 -21.28 15.61 -32.71
N ALA D 116 -20.81 15.85 -31.49
CA ALA D 116 -21.03 14.92 -30.39
C ALA D 116 -20.82 15.65 -29.09
N THR D 117 -21.34 15.06 -28.02
CA THR D 117 -21.20 15.58 -26.68
C THR D 117 -20.71 14.52 -25.71
N CYS D 118 -20.22 14.95 -24.55
CA CYS D 118 -19.86 14.04 -23.47
C CYS D 118 -20.48 14.52 -22.18
N SER D 119 -21.10 13.60 -21.44
CA SER D 119 -21.71 13.93 -20.17
C SER D 119 -20.71 13.65 -19.03
N ARG D 120 -20.13 12.45 -19.02
CA ARG D 120 -19.17 12.09 -18.00
C ARG D 120 -18.20 11.08 -18.59
N TYR D 121 -17.11 10.80 -17.89
CA TYR D 121 -16.28 9.64 -18.24
C TYR D 121 -16.02 8.70 -17.08
N ILE D 122 -15.72 7.46 -17.43
CA ILE D 122 -15.48 6.40 -16.48
C ILE D 122 -14.00 6.06 -16.52
N GLN D 123 -13.38 6.06 -15.34
CA GLN D 123 -12.06 5.44 -15.15
C GLN D 123 -12.11 4.05 -14.57
N LEU D 124 -11.36 3.16 -15.18
CA LEU D 124 -11.35 1.79 -14.73
C LEU D 124 -10.25 1.57 -13.70
N PRO D 125 -10.39 0.53 -12.84
CA PRO D 125 -9.36 0.19 -11.82
C PRO D 125 -8.00 -0.12 -12.46
N PHE D 126 -6.96 0.52 -11.93
CA PHE D 126 -5.58 0.33 -12.37
C PHE D 126 -5.17 -1.14 -12.41
N GLY D 127 -4.87 -1.61 -13.61
CA GLY D 127 -4.22 -2.87 -13.80
C GLY D 127 -5.21 -4.01 -13.88
N ASP D 128 -6.48 -3.66 -13.88
CA ASP D 128 -7.47 -4.69 -13.70
C ASP D 128 -7.92 -5.20 -15.07
N GLU D 129 -7.34 -6.30 -15.54
CA GLU D 129 -7.71 -6.82 -16.85
C GLU D 129 -9.14 -7.45 -16.92
N ASP D 130 -9.72 -7.87 -15.80
CA ASP D 130 -11.15 -8.32 -15.80
C ASP D 130 -12.08 -7.13 -15.98
N ALA D 131 -11.72 -6.00 -15.38
CA ALA D 131 -12.58 -4.82 -15.48
C ALA D 131 -12.51 -4.24 -16.87
N LEU D 132 -11.31 -4.29 -17.47
CA LEU D 132 -11.18 -3.86 -18.85
C LEU D 132 -11.99 -4.79 -19.73
N LYS D 133 -11.92 -6.09 -19.48
CA LYS D 133 -12.70 -7.03 -20.28
C LYS D 133 -14.21 -6.73 -20.25
N GLU D 134 -14.73 -6.42 -19.05
CA GLU D 134 -16.16 -6.08 -18.85
C GLU D 134 -16.56 -4.79 -19.56
N ALA D 135 -15.72 -3.77 -19.47
CA ALA D 135 -16.02 -2.51 -20.13
C ALA D 135 -16.05 -2.65 -21.67
N VAL D 136 -15.08 -3.36 -22.24
CA VAL D 136 -15.03 -3.52 -23.70
C VAL D 136 -16.23 -4.38 -24.14
N ALA D 137 -16.44 -5.51 -23.47
CA ALA D 137 -17.61 -6.35 -23.73
C ALA D 137 -18.92 -5.59 -23.63
N THR D 138 -19.11 -4.79 -22.57
CA THR D 138 -20.45 -4.27 -22.29
C THR D 138 -20.65 -2.77 -22.56
N LYS D 139 -19.61 -2.02 -22.83
CA LYS D 139 -19.79 -0.58 -23.01
C LYS D 139 -19.43 -0.10 -24.40
N GLY D 140 -18.28 -0.55 -24.89
CA GLY D 140 -17.80 -0.14 -26.17
C GLY D 140 -16.27 -0.11 -26.15
N PRO D 141 -15.66 0.41 -27.22
CA PRO D 141 -14.21 0.62 -27.20
C PRO D 141 -13.72 1.47 -25.99
N VAL D 142 -12.52 1.20 -25.52
CA VAL D 142 -11.98 1.84 -24.30
C VAL D 142 -10.59 2.43 -24.61
N SER D 143 -10.38 3.69 -24.25
CA SER D 143 -9.13 4.37 -24.37
C SER D 143 -8.11 3.90 -23.32
N VAL D 144 -6.91 3.59 -23.75
CA VAL D 144 -5.90 3.07 -22.84
C VAL D 144 -4.53 3.60 -23.19
N GLY D 145 -3.62 3.58 -22.19
CA GLY D 145 -2.20 3.82 -22.45
C GLY D 145 -1.41 2.57 -22.51
N ILE D 146 -0.41 2.52 -23.38
CA ILE D 146 0.45 1.36 -23.47
C ILE D 146 1.92 1.80 -23.54
N ASP D 147 2.80 0.91 -23.16
CA ASP D 147 4.23 1.02 -23.47
C ASP D 147 4.49 0.60 -24.92
N ALA D 148 4.50 1.57 -25.84
CA ALA D 148 4.89 1.34 -27.23
C ALA D 148 6.33 1.80 -27.56
N SER D 149 7.24 1.57 -26.62
CA SER D 149 8.63 2.03 -26.69
C SER D 149 9.60 1.06 -27.37
N HIS D 150 9.11 -0.14 -27.78
CA HIS D 150 9.99 -1.15 -28.39
C HIS D 150 9.70 -1.36 -29.87
N SER D 151 10.78 -1.68 -30.58
CA SER D 151 10.76 -1.93 -32.00
C SER D 151 9.85 -3.10 -32.31
N SER D 152 9.83 -4.06 -31.41
CA SER D 152 8.96 -5.20 -31.60
C SER D 152 7.46 -4.78 -31.72
N PHE D 153 7.07 -3.68 -31.07
CA PHE D 153 5.72 -3.14 -31.24
C PHE D 153 5.59 -2.62 -32.65
N PHE D 154 6.53 -1.79 -33.05
CA PHE D 154 6.52 -1.15 -34.37
C PHE D 154 6.46 -2.16 -35.52
N PHE D 155 7.20 -3.24 -35.40
CA PHE D 155 7.26 -4.28 -36.43
C PHE D 155 6.14 -5.32 -36.38
N TYR D 156 5.22 -5.23 -35.44
CA TYR D 156 4.11 -6.19 -35.41
C TYR D 156 3.37 -6.33 -36.74
N LYS D 157 3.07 -7.57 -37.14
CA LYS D 157 2.25 -7.84 -38.37
C LYS D 157 1.06 -8.77 -38.09
N SER D 158 1.31 -9.86 -37.38
CA SER D 158 0.30 -10.89 -37.11
C SER D 158 0.58 -11.59 -35.79
N GLY D 159 -0.36 -12.39 -35.33
CA GLY D 159 -0.16 -13.13 -34.08
C GLY D 159 -0.49 -12.27 -32.87
N VAL D 160 0.05 -12.63 -31.72
CA VAL D 160 -0.13 -11.84 -30.50
C VAL D 160 1.16 -11.22 -29.96
N TYR D 161 1.15 -9.90 -29.84
CA TYR D 161 2.33 -9.12 -29.35
C TYR D 161 2.58 -9.42 -27.88
N ASP D 162 3.80 -9.89 -27.59
CA ASP D 162 4.30 -10.23 -26.24
C ASP D 162 5.82 -10.08 -26.18
N ASP D 163 6.29 -9.09 -25.44
CA ASP D 163 7.71 -8.76 -25.37
C ASP D 163 8.06 -8.63 -23.90
N PRO D 164 8.93 -9.51 -23.40
CA PRO D 164 9.26 -9.50 -21.98
C PRO D 164 10.06 -8.27 -21.56
N SER D 165 10.48 -7.45 -22.53
CA SER D 165 11.08 -6.18 -22.19
C SER D 165 10.03 -5.06 -22.03
N CYS D 166 8.77 -5.31 -22.37
CA CYS D 166 7.73 -4.34 -22.07
C CYS D 166 7.68 -4.07 -20.55
N THR D 167 7.24 -2.88 -20.17
CA THR D 167 7.02 -2.57 -18.76
C THR D 167 5.72 -1.84 -18.64
N GLY D 168 5.40 -1.38 -17.46
CA GLY D 168 4.22 -0.59 -17.22
C GLY D 168 4.38 0.89 -17.50
N ASN D 169 5.51 1.30 -18.07
CA ASN D 169 5.85 2.69 -18.41
C ASN D 169 5.21 3.14 -19.72
N VAL D 170 3.93 3.43 -19.63
CA VAL D 170 3.05 3.75 -20.73
C VAL D 170 3.47 5.12 -21.32
N ASN D 171 3.49 5.23 -22.65
CA ASN D 171 3.95 6.40 -23.38
C ASN D 171 3.10 6.70 -24.63
N HIS D 172 2.01 5.94 -24.83
CA HIS D 172 1.25 5.96 -26.09
C HIS D 172 -0.22 5.68 -25.86
N GLY D 173 -1.08 6.56 -26.37
CA GLY D 173 -2.54 6.49 -26.17
C GLY D 173 -3.15 5.74 -27.36
N VAL D 174 -3.88 4.64 -27.09
CA VAL D 174 -4.50 3.83 -28.14
C VAL D 174 -5.96 3.41 -27.74
N LEU D 175 -6.63 2.67 -28.60
CA LEU D 175 -8.07 2.32 -28.36
C LEU D 175 -8.23 0.83 -28.40
N VAL D 176 -8.75 0.23 -27.33
CA VAL D 176 -9.06 -1.18 -27.33
C VAL D 176 -10.49 -1.33 -27.88
N VAL D 177 -10.61 -2.05 -29.00
CA VAL D 177 -11.90 -2.25 -29.65
C VAL D 177 -12.32 -3.72 -29.58
N GLY D 178 -11.60 -4.52 -28.83
CA GLY D 178 -12.03 -5.89 -28.70
C GLY D 178 -11.07 -6.78 -27.96
N TYR D 179 -11.38 -8.08 -27.96
CA TYR D 179 -10.49 -9.08 -27.38
C TYR D 179 -10.95 -10.44 -27.84
N GLY D 180 -10.12 -11.44 -27.57
CA GLY D 180 -10.40 -12.81 -27.93
C GLY D 180 -9.20 -13.62 -27.57
N THR D 181 -9.07 -14.77 -28.25
CA THR D 181 -7.99 -15.70 -28.07
C THR D 181 -7.57 -16.13 -29.48
N LEU D 182 -6.29 -16.05 -29.79
CA LEU D 182 -5.80 -16.44 -31.11
C LEU D 182 -4.71 -17.49 -30.94
N ASP D 183 -4.96 -18.67 -31.52
CA ASP D 183 -4.04 -19.79 -31.47
C ASP D 183 -3.57 -20.14 -30.07
N GLY D 184 -4.50 -20.01 -29.14
CA GLY D 184 -4.23 -20.33 -27.75
C GLY D 184 -3.62 -19.21 -26.91
N LYS D 185 -3.56 -18.00 -27.44
CA LYS D 185 -3.00 -16.86 -26.68
C LYS D 185 -4.05 -15.77 -26.52
N ASP D 186 -4.36 -15.40 -25.27
CA ASP D 186 -5.33 -14.35 -25.01
C ASP D 186 -4.77 -13.01 -25.51
N TYR D 187 -5.62 -12.16 -26.07
CA TYR D 187 -5.15 -10.91 -26.60
C TYR D 187 -6.15 -9.81 -26.43
N TRP D 188 -5.66 -8.58 -26.45
CA TRP D 188 -6.46 -7.40 -26.60
C TRP D 188 -6.34 -6.94 -28.03
N LEU D 189 -7.44 -6.46 -28.58
CA LEU D 189 -7.48 -5.89 -29.95
C LEU D 189 -7.42 -4.38 -29.94
N VAL D 190 -6.34 -3.85 -30.49
CA VAL D 190 -6.01 -2.47 -30.33
C VAL D 190 -5.94 -1.73 -31.66
N LYS D 191 -6.64 -0.59 -31.74
CA LYS D 191 -6.56 0.36 -32.83
C LYS D 191 -5.49 1.41 -32.53
N ASN D 192 -4.45 1.43 -33.37
CA ASN D 192 -3.43 2.48 -33.33
C ASN D 192 -3.73 3.61 -34.32
N SER D 193 -3.03 4.73 -34.18
CA SER D 193 -3.15 5.88 -35.06
C SER D 193 -1.83 6.15 -35.82
N TRP D 194 -1.10 5.11 -36.20
CA TRP D 194 0.12 5.22 -37.02
C TRP D 194 -0.08 4.88 -38.52
N GLY D 195 -1.28 4.99 -39.04
CA GLY D 195 -1.56 4.61 -40.44
C GLY D 195 -1.87 3.14 -40.73
N LEU D 196 -2.33 2.84 -41.96
CA LEU D 196 -2.79 1.47 -42.30
C LEU D 196 -1.64 0.55 -42.38
N ASN D 197 -0.46 1.13 -42.68
CA ASN D 197 0.73 0.33 -42.85
C ASN D 197 1.25 -0.25 -41.53
N PHE D 198 0.83 0.30 -40.39
CA PHE D 198 1.30 -0.23 -39.12
C PHE D 198 0.50 -1.47 -38.80
N GLY D 199 1.17 -2.51 -38.33
CA GLY D 199 0.46 -3.67 -37.80
C GLY D 199 -0.40 -4.31 -38.88
N ASP D 200 -1.56 -4.83 -38.46
CA ASP D 200 -2.50 -5.56 -39.32
C ASP D 200 -3.60 -4.60 -39.65
N GLN D 201 -3.45 -3.92 -40.79
CA GLN D 201 -4.33 -2.82 -41.20
C GLN D 201 -4.51 -1.77 -40.08
N GLY D 202 -3.43 -1.50 -39.33
CA GLY D 202 -3.46 -0.45 -38.34
C GLY D 202 -3.79 -0.88 -36.92
N TYR D 203 -3.96 -2.18 -36.71
CA TYR D 203 -4.33 -2.79 -35.45
C TYR D 203 -3.25 -3.71 -35.06
N ILE D 204 -3.16 -3.93 -33.75
CA ILE D 204 -2.24 -4.89 -33.19
C ILE D 204 -2.95 -5.73 -32.14
N ARG D 205 -2.60 -7.01 -32.02
CA ARG D 205 -3.10 -7.84 -30.92
C ARG D 205 -2.05 -7.95 -29.87
N MET D 206 -2.42 -7.56 -28.65
CA MET D 206 -1.48 -7.45 -27.53
C MET D 206 -1.88 -8.39 -26.42
N ALA D 207 -0.88 -8.96 -25.77
CA ALA D 207 -1.06 -10.07 -24.83
C ALA D 207 -2.01 -9.64 -23.72
N ARG D 208 -3.02 -10.49 -23.47
CA ARG D 208 -4.03 -10.27 -22.44
C ARG D 208 -3.81 -11.36 -21.37
N ASN D 209 -4.05 -10.99 -20.12
CA ASN D 209 -3.88 -11.88 -18.96
C ASN D 209 -2.45 -12.25 -18.66
N ASN D 210 -1.55 -11.36 -19.06
CA ASN D 210 -0.16 -11.59 -18.81
C ASN D 210 0.33 -10.43 -17.96
N LYS D 211 -0.27 -10.32 -16.79
CA LYS D 211 0.24 -9.45 -15.73
C LYS D 211 0.29 -7.98 -16.19
N ASN D 212 -0.79 -7.51 -16.82
CA ASN D 212 -0.88 -6.10 -17.27
C ASN D 212 0.27 -5.70 -18.19
N HIS D 213 0.39 -6.49 -19.26
CA HIS D 213 1.52 -6.44 -20.19
C HIS D 213 1.56 -5.09 -20.89
N CYS D 214 2.70 -4.40 -20.85
CA CYS D 214 2.84 -3.02 -21.48
C CYS D 214 1.93 -2.01 -20.83
N GLY D 215 1.51 -2.31 -19.62
CA GLY D 215 0.63 -1.47 -18.85
C GLY D 215 -0.75 -1.21 -19.43
N ILE D 216 -1.19 -2.07 -20.32
CA ILE D 216 -2.41 -1.82 -21.09
C ILE D 216 -3.67 -1.56 -20.24
N ALA D 217 -3.73 -2.09 -19.04
CA ALA D 217 -4.87 -1.83 -18.18
C ALA D 217 -4.60 -0.81 -17.09
N SER D 218 -3.51 -0.08 -17.20
CA SER D 218 -3.16 0.87 -16.13
C SER D 218 -4.06 2.09 -16.05
N TYR D 219 -4.24 2.78 -17.17
CA TYR D 219 -4.94 4.05 -17.24
C TYR D 219 -6.06 3.97 -18.32
N CYS D 220 -7.08 3.18 -18.06
CA CYS D 220 -8.20 2.99 -18.99
C CYS D 220 -9.39 3.89 -18.68
N SER D 221 -9.96 4.46 -19.76
CA SER D 221 -11.18 5.25 -19.66
C SER D 221 -12.10 5.17 -20.91
N TYR D 222 -13.35 5.57 -20.69
CA TYR D 222 -14.35 5.71 -21.77
C TYR D 222 -15.43 6.77 -21.43
N PRO D 223 -15.89 7.46 -22.46
CA PRO D 223 -16.87 8.50 -22.27
C PRO D 223 -18.32 7.98 -22.21
N GLU D 224 -19.21 8.85 -21.78
CA GLU D 224 -20.64 8.64 -21.83
C GLU D 224 -21.21 9.89 -22.48
N ILE D 225 -22.02 9.67 -23.50
CA ILE D 225 -22.62 10.77 -24.20
C ILE D 225 -23.67 11.40 -23.32
N THR E 7 28.76 -20.68 -0.05
CA THR E 7 27.63 -20.20 0.81
C THR E 7 26.40 -21.00 0.49
N LEU E 8 25.41 -20.95 1.38
CA LEU E 8 24.21 -21.73 1.21
C LEU E 8 23.43 -21.15 0.04
N PRO E 9 22.80 -22.01 -0.77
CA PRO E 9 21.91 -21.45 -1.79
C PRO E 9 20.69 -20.77 -1.17
N ASP E 10 20.13 -19.81 -1.92
CA ASP E 10 19.02 -18.99 -1.43
C ASP E 10 17.72 -19.77 -1.43
N THR E 11 17.60 -20.73 -2.34
CA THR E 11 16.37 -21.53 -2.46
C THR E 11 16.75 -22.99 -2.43
N VAL E 12 15.96 -23.79 -1.71
CA VAL E 12 16.11 -25.25 -1.71
C VAL E 12 14.73 -25.85 -1.77
N ASP E 13 14.59 -26.88 -2.58
CA ASP E 13 13.39 -27.72 -2.63
C ASP E 13 13.80 -29.16 -2.95
N TRP E 14 13.70 -30.02 -1.95
CA TRP E 14 14.08 -31.43 -2.12
C TRP E 14 13.12 -32.19 -3.00
N ARG E 15 11.88 -31.73 -3.13
CA ARG E 15 10.93 -32.31 -4.09
C ARG E 15 11.49 -32.35 -5.49
N GLU E 16 12.35 -31.37 -5.81
CA GLU E 16 12.94 -31.22 -7.14
C GLU E 16 13.96 -32.31 -7.42
N LYS E 17 14.62 -32.78 -6.36
CA LYS E 17 15.61 -33.83 -6.47
C LYS E 17 15.01 -35.24 -6.27
N GLY E 18 13.69 -35.34 -6.29
CA GLY E 18 13.03 -36.63 -6.09
C GLY E 18 13.33 -37.27 -4.73
N CYS E 19 13.52 -36.45 -3.68
CA CYS E 19 13.79 -36.94 -2.30
C CYS E 19 12.57 -36.91 -1.38
N VAL E 20 11.38 -36.74 -1.95
CA VAL E 20 10.20 -36.54 -1.16
C VAL E 20 9.06 -37.34 -1.74
N THR E 21 8.42 -38.15 -0.90
CA THR E 21 7.31 -38.99 -1.32
C THR E 21 6.01 -38.21 -1.27
N GLU E 22 4.96 -38.82 -1.78
CA GLU E 22 3.63 -38.21 -1.76
C GLU E 22 3.22 -37.83 -0.35
N VAL E 23 2.34 -36.84 -0.27
CA VAL E 23 1.79 -36.37 0.96
C VAL E 23 0.86 -37.41 1.51
N LYS E 24 0.95 -37.63 2.82
CA LYS E 24 0.16 -38.66 3.48
C LYS E 24 -0.96 -38.05 4.31
N TYR E 25 -1.95 -38.88 4.61
CA TYR E 25 -3.11 -38.43 5.36
C TYR E 25 -3.24 -39.24 6.67
N GLN E 26 -2.97 -38.58 7.80
CA GLN E 26 -2.93 -39.27 9.09
C GLN E 26 -4.30 -39.60 9.68
N GLY E 27 -5.35 -38.92 9.19
CA GLY E 27 -6.69 -39.01 9.73
C GLY E 27 -6.79 -38.85 11.23
N SER E 28 -7.59 -39.70 11.88
CA SER E 28 -7.89 -39.61 13.33
C SER E 28 -6.77 -40.08 14.28
N CYS E 29 -5.66 -40.52 13.74
CA CYS E 29 -4.58 -41.04 14.55
C CYS E 29 -3.47 -39.97 14.70
N GLY E 30 -3.04 -39.71 15.94
CA GLY E 30 -2.01 -38.70 16.23
C GLY E 30 -0.62 -39.16 15.87
N ALA E 31 -0.45 -39.47 14.59
CA ALA E 31 0.81 -40.05 14.04
C ALA E 31 1.71 -39.08 13.25
N CYS E 32 1.51 -37.79 13.48
CA CYS E 32 2.30 -36.74 12.79
C CYS E 32 3.79 -36.95 12.91
N TRP E 33 4.24 -37.24 14.11
CA TRP E 33 5.64 -37.54 14.42
C TRP E 33 6.20 -38.72 13.61
N ALA E 34 5.36 -39.72 13.40
CA ALA E 34 5.73 -40.92 12.62
C ALA E 34 5.87 -40.58 11.13
N PHE E 35 4.97 -39.73 10.62
CA PHE E 35 5.05 -39.35 9.20
C PHE E 35 6.24 -38.42 8.99
N SER E 36 6.47 -37.58 9.98
CA SER E 36 7.65 -36.70 9.97
C SER E 36 8.94 -37.51 9.99
N ALA E 37 8.97 -38.50 10.87
CA ALA E 37 10.15 -39.33 11.01
C ALA E 37 10.46 -40.05 9.72
N VAL E 38 9.49 -40.78 9.17
CA VAL E 38 9.77 -41.52 7.95
C VAL E 38 10.09 -40.58 6.79
N GLY E 39 9.38 -39.47 6.72
CA GLY E 39 9.67 -38.46 5.71
C GLY E 39 11.16 -38.17 5.63
N ALA E 40 11.75 -37.87 6.78
CA ALA E 40 13.18 -37.54 6.86
C ALA E 40 14.07 -38.71 6.49
N LEU E 41 13.66 -39.94 6.85
CA LEU E 41 14.44 -41.13 6.46
C LEU E 41 14.31 -41.46 4.96
N GLU E 42 13.09 -41.32 4.42
CA GLU E 42 12.85 -41.45 2.97
C GLU E 42 13.85 -40.62 2.14
N GLY E 43 14.20 -39.42 2.62
CA GLY E 43 15.12 -38.54 1.93
C GLY E 43 16.55 -39.03 1.97
N GLN E 44 16.98 -39.45 3.15
CA GLN E 44 18.30 -40.06 3.30
C GLN E 44 18.43 -41.34 2.49
N LEU E 45 17.34 -42.07 2.38
CA LEU E 45 17.35 -43.31 1.65
C LEU E 45 17.48 -43.05 0.16
N LYS E 46 16.75 -42.07 -0.36
CA LYS E 46 16.91 -41.73 -1.77
C LYS E 46 18.35 -41.30 -2.00
N LEU E 47 18.87 -40.46 -1.13
CA LEU E 47 20.21 -39.92 -1.32
C LEU E 47 21.27 -41.01 -1.30
N LYS E 48 21.10 -42.01 -0.44
CA LYS E 48 22.09 -43.09 -0.31
C LYS E 48 21.98 -44.16 -1.40
N THR E 49 20.76 -44.56 -1.72
CA THR E 49 20.54 -45.70 -2.58
C THR E 49 20.05 -45.31 -3.97
N GLY E 50 19.45 -44.13 -4.10
CA GLY E 50 18.89 -43.70 -5.38
C GLY E 50 17.46 -44.14 -5.55
N LYS E 51 16.86 -44.63 -4.48
CA LYS E 51 15.49 -45.14 -4.54
C LYS E 51 14.60 -44.33 -3.59
N LEU E 52 13.45 -43.90 -4.09
CA LEU E 52 12.43 -43.23 -3.31
C LEU E 52 11.35 -44.23 -2.97
N ILE E 53 11.18 -44.54 -1.70
CA ILE E 53 10.13 -45.45 -1.24
C ILE E 53 9.42 -44.85 -0.05
N SER E 54 8.09 -44.93 -0.02
CA SER E 54 7.36 -44.57 1.18
C SER E 54 7.60 -45.59 2.33
N LEU E 55 8.11 -45.10 3.45
CA LEU E 55 8.40 -45.98 4.58
C LEU E 55 7.22 -46.03 5.55
N SER E 56 7.27 -46.99 6.48
CA SER E 56 6.08 -47.33 7.26
C SER E 56 5.97 -46.55 8.57
N ALA E 57 5.07 -45.58 8.56
CA ALA E 57 4.76 -44.84 9.74
C ALA E 57 3.98 -45.74 10.70
N GLN E 58 3.19 -46.65 10.16
CA GLN E 58 2.42 -47.54 11.02
C GLN E 58 3.37 -48.44 11.84
N ASN E 59 4.51 -48.78 11.24
CA ASN E 59 5.58 -49.52 11.93
C ASN E 59 6.07 -48.80 13.17
N LEU E 60 6.24 -47.48 13.06
CA LEU E 60 6.64 -46.68 14.19
C LEU E 60 5.54 -46.56 15.23
N VAL E 61 4.30 -46.36 14.77
CA VAL E 61 3.15 -46.23 15.68
C VAL E 61 3.00 -47.50 16.54
N ASP E 62 3.04 -48.64 15.87
CA ASP E 62 2.80 -49.94 16.50
C ASP E 62 3.90 -50.39 17.41
N CYS E 63 5.15 -50.08 17.06
CA CYS E 63 6.27 -50.80 17.64
C CYS E 63 7.19 -49.97 18.56
N SER E 64 6.91 -48.68 18.73
CA SER E 64 7.74 -47.85 19.60
C SER E 64 6.92 -47.35 20.78
N ASN E 65 5.75 -47.96 21.00
CA ASN E 65 4.85 -47.59 22.08
C ASN E 65 5.29 -48.35 23.35
N GLU E 66 6.41 -47.92 23.94
CA GLU E 66 6.92 -48.52 25.19
C GLU E 66 7.81 -47.58 26.00
N GLU E 67 7.77 -47.75 27.32
CA GLU E 67 8.54 -46.96 28.28
C GLU E 67 9.88 -46.50 27.74
N LYS E 68 10.56 -47.42 27.07
CA LYS E 68 11.90 -47.16 26.54
C LYS E 68 11.99 -45.95 25.54
N TYR E 69 10.91 -45.68 24.82
CA TYR E 69 10.86 -44.60 23.82
C TYR E 69 9.96 -43.42 24.21
N GLY E 70 8.89 -43.67 24.95
CA GLY E 70 7.95 -42.61 25.35
C GLY E 70 7.02 -42.16 24.24
N ASN E 71 7.10 -42.80 23.09
CA ASN E 71 6.07 -42.62 22.08
C ASN E 71 4.76 -43.29 22.54
N LYS E 72 3.64 -42.78 22.07
CA LYS E 72 2.37 -43.31 22.50
C LYS E 72 1.49 -43.67 21.34
N GLY E 73 2.09 -44.05 20.23
CA GLY E 73 1.28 -44.42 19.06
C GLY E 73 0.37 -43.30 18.56
N CYS E 74 -0.93 -43.61 18.45
CA CYS E 74 -1.92 -42.66 17.97
C CYS E 74 -2.15 -41.52 18.96
N GLY E 75 -1.52 -41.62 20.13
CA GLY E 75 -1.53 -40.54 21.12
C GLY E 75 -0.37 -39.56 21.00
N GLY E 76 0.48 -39.74 20.00
CA GLY E 76 1.61 -38.83 19.75
C GLY E 76 2.95 -39.41 20.13
N GLY E 77 4.00 -38.71 19.75
CA GLY E 77 5.33 -39.14 20.09
C GLY E 77 6.40 -38.20 19.57
N TYR E 78 7.61 -38.73 19.47
CA TYR E 78 8.82 -37.94 19.21
C TYR E 78 9.60 -38.47 18.03
N MET E 79 9.98 -37.56 17.14
CA MET E 79 10.70 -37.93 15.95
C MET E 79 12.05 -38.51 16.33
N THR E 80 12.74 -37.93 17.31
CA THR E 80 14.04 -38.45 17.76
C THR E 80 13.90 -39.89 18.29
N GLU E 81 12.90 -40.13 19.10
CA GLU E 81 12.64 -41.51 19.59
C GLU E 81 12.22 -42.53 18.50
N ALA E 82 11.45 -42.07 17.50
CA ALA E 82 11.20 -42.88 16.31
C ALA E 82 12.53 -43.32 15.67
N PHE E 83 13.47 -42.40 15.53
CA PHE E 83 14.77 -42.72 14.95
C PHE E 83 15.51 -43.77 15.82
N GLN E 84 15.43 -43.59 17.14
CA GLN E 84 16.10 -44.49 18.09
C GLN E 84 15.47 -45.90 17.99
N TYR E 85 14.15 -45.95 17.86
CA TYR E 85 13.46 -47.23 17.57
C TYR E 85 14.11 -47.96 16.37
N ILE E 86 14.31 -47.23 15.27
CA ILE E 86 14.78 -47.79 14.01
C ILE E 86 16.22 -48.27 14.14
N ILE E 87 17.04 -47.50 14.85
CA ILE E 87 18.42 -47.92 15.19
C ILE E 87 18.39 -49.21 16.04
N ASP E 88 17.58 -49.21 17.09
CA ASP E 88 17.48 -50.36 18.00
C ASP E 88 16.95 -51.60 17.25
N ASN E 89 15.94 -51.39 16.40
CA ASN E 89 15.27 -52.48 15.68
C ASN E 89 16.14 -53.07 14.56
N GLY E 90 17.06 -52.24 14.07
CA GLY E 90 17.92 -52.63 12.97
C GLY E 90 17.17 -52.52 11.66
N GLY E 91 16.09 -51.77 11.63
CA GLY E 91 15.48 -51.37 10.35
C GLY E 91 14.05 -50.98 10.46
N ILE E 92 13.46 -50.68 9.30
CA ILE E 92 12.04 -50.35 9.21
C ILE E 92 11.46 -50.88 7.90
N GLU E 93 10.17 -51.16 7.87
CA GLU E 93 9.52 -51.66 6.68
C GLU E 93 9.03 -50.50 5.77
N ALA E 94 8.83 -50.82 4.50
CA ALA E 94 8.16 -49.92 3.58
C ALA E 94 6.68 -49.92 3.93
N ASP E 95 6.02 -48.79 3.62
CA ASP E 95 4.57 -48.67 3.69
C ASP E 95 3.80 -49.77 2.93
N ALA E 96 4.36 -50.19 1.78
CA ALA E 96 3.78 -51.26 0.94
C ALA E 96 3.64 -52.62 1.64
N SER E 97 4.55 -52.96 2.54
CA SER E 97 4.45 -54.24 3.31
C SER E 97 3.92 -54.04 4.73
N TYR E 98 3.78 -52.78 5.16
CA TYR E 98 3.27 -52.50 6.49
C TYR E 98 2.40 -51.25 6.38
N PRO E 99 1.19 -51.44 5.84
CA PRO E 99 0.39 -50.25 5.48
C PRO E 99 -0.20 -49.50 6.65
N TYR E 100 -0.60 -48.26 6.36
CA TYR E 100 -1.12 -47.35 7.37
C TYR E 100 -2.61 -47.59 7.66
N LYS E 101 -2.93 -47.82 8.91
CA LYS E 101 -4.29 -48.12 9.31
C LYS E 101 -4.89 -47.05 10.22
N ALA E 102 -4.07 -46.10 10.68
CA ALA E 102 -4.53 -45.04 11.58
C ALA E 102 -5.20 -45.60 12.84
N MET E 103 -4.62 -46.69 13.36
CA MET E 103 -5.05 -47.36 14.58
C MET E 103 -3.79 -47.86 15.27
N ASP E 104 -3.87 -47.98 16.59
CA ASP E 104 -2.83 -48.69 17.33
C ASP E 104 -3.06 -50.18 17.14
N GLU E 105 -2.01 -50.89 16.74
CA GLU E 105 -2.07 -52.34 16.50
C GLU E 105 -0.81 -53.05 17.00
N LYS E 106 -0.92 -54.36 17.25
CA LYS E 106 0.24 -55.13 17.71
C LYS E 106 1.30 -55.10 16.62
N CYS E 107 2.53 -54.91 17.06
CA CYS E 107 3.67 -54.76 16.19
C CYS E 107 3.86 -55.97 15.28
N HIS E 108 4.11 -55.69 14.01
CA HIS E 108 4.34 -56.78 13.10
C HIS E 108 5.44 -56.49 12.11
N TYR E 109 6.52 -55.94 12.67
CA TYR E 109 7.76 -55.74 11.95
C TYR E 109 8.42 -57.09 11.56
N ASN E 110 8.56 -57.31 10.25
CA ASN E 110 9.13 -58.51 9.68
C ASN E 110 10.33 -58.12 8.87
N SER E 111 11.52 -58.47 9.36
CA SER E 111 12.75 -58.04 8.73
C SER E 111 12.98 -58.60 7.33
N LYS E 112 12.22 -59.63 6.93
CA LYS E 112 12.15 -60.04 5.52
C LYS E 112 11.91 -58.84 4.61
N ASN E 113 11.03 -57.95 5.06
CA ASN E 113 10.63 -56.75 4.34
C ASN E 113 11.32 -55.46 4.79
N ARG E 114 12.44 -55.55 5.51
CA ARG E 114 13.21 -54.36 5.86
C ARG E 114 13.40 -53.55 4.58
N ALA E 115 13.08 -52.28 4.64
CA ALA E 115 13.30 -51.38 3.49
C ALA E 115 14.35 -50.30 3.77
N ALA E 116 14.63 -50.01 5.05
CA ALA E 116 15.64 -49.00 5.40
C ALA E 116 16.23 -49.23 6.77
N THR E 117 17.40 -48.67 7.03
CA THR E 117 18.02 -48.67 8.36
C THR E 117 18.38 -47.25 8.80
N CYS E 118 18.90 -47.11 10.02
CA CYS E 118 19.37 -45.86 10.55
C CYS E 118 20.46 -46.18 11.58
N SER E 119 21.61 -45.50 11.53
CA SER E 119 22.68 -45.74 12.51
C SER E 119 22.70 -44.67 13.59
N ARG E 120 22.35 -43.44 13.23
CA ARG E 120 22.34 -42.36 14.20
C ARG E 120 21.38 -41.24 13.79
N TYR E 121 21.14 -40.34 14.71
CA TYR E 121 20.36 -39.15 14.37
C TYR E 121 21.03 -37.94 14.97
N ILE E 122 20.79 -36.81 14.34
CA ILE E 122 21.42 -35.57 14.73
C ILE E 122 20.32 -34.62 15.15
N GLN E 123 20.49 -34.06 16.34
CA GLN E 123 19.73 -32.92 16.80
C GLN E 123 20.49 -31.61 16.57
N LEU E 124 19.74 -30.58 16.20
CA LEU E 124 20.32 -29.25 15.93
C LEU E 124 20.08 -28.35 17.12
N PRO E 125 20.87 -27.26 17.25
CA PRO E 125 20.68 -26.39 18.41
C PRO E 125 19.30 -25.76 18.44
N PHE E 126 18.76 -25.63 19.66
CA PHE E 126 17.46 -25.03 19.93
C PHE E 126 17.38 -23.60 19.36
N GLY E 127 16.31 -23.32 18.64
CA GLY E 127 16.00 -21.98 18.16
C GLY E 127 16.80 -21.48 16.96
N ASP E 128 17.77 -22.25 16.48
CA ASP E 128 18.77 -21.73 15.55
C ASP E 128 18.34 -21.96 14.09
N GLU E 129 17.69 -20.95 13.52
CA GLU E 129 17.19 -21.03 12.16
C GLU E 129 18.31 -21.10 11.10
N ASP E 130 19.50 -20.57 11.43
CA ASP E 130 20.64 -20.65 10.49
C ASP E 130 21.21 -22.08 10.41
N ALA E 131 21.18 -22.79 11.53
CA ALA E 131 21.62 -24.19 11.58
C ALA E 131 20.60 -25.05 10.84
N LEU E 132 19.32 -24.73 11.00
CA LEU E 132 18.29 -25.44 10.26
C LEU E 132 18.49 -25.21 8.74
N LYS E 133 18.76 -23.96 8.34
CA LYS E 133 19.09 -23.67 6.96
C LYS E 133 20.25 -24.55 6.43
N GLU E 134 21.41 -24.53 7.11
CA GLU E 134 22.56 -25.33 6.70
C GLU E 134 22.21 -26.83 6.55
N ALA E 135 21.51 -27.36 7.54
CA ALA E 135 21.09 -28.78 7.56
C ALA E 135 20.20 -29.05 6.35
N VAL E 136 19.23 -28.19 6.10
CA VAL E 136 18.32 -28.43 5.01
C VAL E 136 19.02 -28.31 3.65
N ALA E 137 20.04 -27.46 3.55
CA ALA E 137 20.76 -27.34 2.27
C ALA E 137 21.73 -28.50 2.05
N THR E 138 22.42 -28.89 3.11
CA THR E 138 23.58 -29.77 2.99
C THR E 138 23.30 -31.23 3.36
N LYS E 139 22.20 -31.49 4.10
CA LYS E 139 21.85 -32.86 4.57
C LYS E 139 20.64 -33.47 3.92
N GLY E 140 19.51 -32.73 3.95
CA GLY E 140 18.25 -33.19 3.36
C GLY E 140 17.06 -32.71 4.15
N PRO E 141 15.89 -33.29 3.91
CA PRO E 141 14.74 -32.87 4.70
C PRO E 141 14.93 -33.10 6.20
N VAL E 142 14.37 -32.21 7.02
CA VAL E 142 14.63 -32.22 8.46
C VAL E 142 13.31 -32.29 9.22
N SER E 143 13.27 -33.16 10.23
CA SER E 143 12.12 -33.29 11.12
C SER E 143 12.08 -32.14 12.11
N VAL E 144 10.93 -31.52 12.24
CA VAL E 144 10.79 -30.42 13.19
C VAL E 144 9.45 -30.46 13.87
N GLY E 145 9.41 -29.86 15.05
CA GLY E 145 8.14 -29.57 15.74
C GLY E 145 7.66 -28.10 15.58
N ILE E 146 6.37 -27.94 15.30
CA ILE E 146 5.74 -26.62 15.23
C ILE E 146 4.47 -26.56 16.08
N ASP E 147 3.98 -25.33 16.30
CA ASP E 147 2.69 -25.09 16.91
C ASP E 147 1.68 -24.91 15.78
N ALA E 148 0.86 -25.91 15.60
CA ALA E 148 -0.03 -25.99 14.49
C ALA E 148 -1.47 -25.96 14.98
N SER E 149 -1.66 -25.43 16.17
CA SER E 149 -2.99 -25.39 16.82
C SER E 149 -3.88 -24.21 16.44
N HIS E 150 -3.41 -23.30 15.57
CA HIS E 150 -4.21 -22.10 15.19
C HIS E 150 -4.95 -22.25 13.87
N SER E 151 -6.11 -21.64 13.81
CA SER E 151 -7.01 -21.86 12.70
C SER E 151 -6.44 -21.33 11.38
N SER E 152 -5.70 -20.23 11.43
CA SER E 152 -5.09 -19.69 10.22
C SER E 152 -4.17 -20.75 9.55
N PHE E 153 -3.50 -21.56 10.39
CA PHE E 153 -2.74 -22.76 9.93
C PHE E 153 -3.63 -23.73 9.19
N PHE E 154 -4.69 -24.14 9.88
CA PHE E 154 -5.65 -25.10 9.38
C PHE E 154 -6.21 -24.70 8.03
N PHE E 155 -6.58 -23.42 7.89
CA PHE E 155 -7.22 -22.92 6.68
C PHE E 155 -6.25 -22.23 5.72
N TYR E 156 -4.95 -22.35 5.98
CA TYR E 156 -3.94 -21.76 5.12
C TYR E 156 -4.18 -22.11 3.65
N LYS E 157 -4.01 -21.11 2.79
CA LYS E 157 -4.31 -21.21 1.35
C LYS E 157 -3.05 -21.04 0.51
N SER E 158 -2.32 -19.94 0.72
CA SER E 158 -1.18 -19.59 -0.11
C SER E 158 -0.30 -18.49 0.56
N GLY E 159 0.83 -18.16 -0.04
CA GLY E 159 1.71 -17.12 0.50
C GLY E 159 2.55 -17.68 1.62
N VAL E 160 3.04 -16.81 2.49
CA VAL E 160 3.84 -17.20 3.63
C VAL E 160 3.00 -17.06 4.89
N TYR E 161 2.78 -18.18 5.56
CA TYR E 161 2.03 -18.21 6.80
C TYR E 161 2.81 -17.49 7.87
N ASP E 162 2.17 -16.47 8.43
CA ASP E 162 2.74 -15.66 9.47
C ASP E 162 1.56 -15.26 10.35
N ASP E 163 1.54 -15.81 11.57
CA ASP E 163 0.38 -15.75 12.45
C ASP E 163 0.80 -15.11 13.77
N PRO E 164 0.21 -13.93 14.07
CA PRO E 164 0.55 -13.31 15.35
C PRO E 164 0.11 -14.18 16.55
N SER E 165 -0.93 -14.99 16.37
CA SER E 165 -1.43 -15.90 17.41
C SER E 165 -0.46 -17.07 17.69
N CYS E 166 0.48 -17.33 16.78
CA CYS E 166 1.33 -18.49 16.88
C CYS E 166 2.30 -18.35 18.04
N THR E 167 2.61 -19.48 18.68
CA THR E 167 3.47 -19.52 19.85
C THR E 167 4.70 -20.41 19.62
N GLY E 168 5.56 -20.45 20.62
CA GLY E 168 6.70 -21.36 20.66
C GLY E 168 6.41 -22.70 21.32
N ASN E 169 5.15 -22.96 21.67
CA ASN E 169 4.79 -24.23 22.32
C ASN E 169 4.36 -25.24 21.27
N VAL E 170 5.33 -26.01 20.80
CA VAL E 170 5.12 -26.89 19.66
C VAL E 170 4.26 -28.11 20.09
N ASN E 171 3.45 -28.60 19.15
CA ASN E 171 2.48 -29.68 19.38
C ASN E 171 2.29 -30.59 18.17
N HIS E 172 3.10 -30.39 17.13
CA HIS E 172 2.87 -31.05 15.86
C HIS E 172 4.15 -31.24 15.06
N GLY E 173 4.46 -32.50 14.75
CA GLY E 173 5.65 -32.87 13.98
C GLY E 173 5.40 -32.80 12.48
N VAL E 174 6.34 -32.19 11.75
CA VAL E 174 6.24 -32.03 10.30
C VAL E 174 7.64 -32.14 9.71
N LEU E 175 7.72 -32.03 8.39
CA LEU E 175 8.99 -32.15 7.68
C LEU E 175 9.31 -30.87 6.88
N VAL E 176 10.47 -30.27 7.16
CA VAL E 176 11.00 -29.15 6.38
C VAL E 176 11.73 -29.76 5.17
N VAL E 177 11.16 -29.54 3.99
CA VAL E 177 11.71 -30.05 2.74
C VAL E 177 12.40 -28.96 1.90
N GLY E 178 12.53 -27.75 2.46
CA GLY E 178 13.08 -26.63 1.71
C GLY E 178 12.97 -25.28 2.37
N TYR E 179 13.38 -24.25 1.63
CA TYR E 179 13.25 -22.88 2.06
C TYR E 179 13.51 -21.96 0.87
N GLY E 180 13.00 -20.73 0.97
CA GLY E 180 13.21 -19.73 -0.08
C GLY E 180 12.86 -18.35 0.43
N THR E 181 12.69 -17.46 -0.54
CA THR E 181 12.08 -16.16 -0.31
C THR E 181 10.96 -16.02 -1.34
N LEU E 182 9.75 -15.80 -0.85
CA LEU E 182 8.64 -15.49 -1.73
C LEU E 182 8.22 -14.03 -1.56
N ASP E 183 8.19 -13.35 -2.70
CA ASP E 183 7.90 -11.94 -2.75
C ASP E 183 8.56 -11.19 -1.60
N GLY E 184 9.86 -11.44 -1.43
CA GLY E 184 10.67 -10.74 -0.46
C GLY E 184 10.53 -11.16 0.98
N LYS E 185 9.78 -12.25 1.23
CA LYS E 185 9.54 -12.73 2.59
C LYS E 185 10.14 -14.16 2.68
N ASP E 186 11.06 -14.35 3.61
CA ASP E 186 11.70 -15.65 3.82
C ASP E 186 10.71 -16.69 4.32
N TYR E 187 10.80 -17.89 3.79
CA TYR E 187 9.95 -18.97 4.23
C TYR E 187 10.70 -20.29 4.41
N TRP E 188 10.10 -21.15 5.23
CA TRP E 188 10.42 -22.59 5.32
C TRP E 188 9.37 -23.37 4.54
N LEU E 189 9.80 -24.32 3.71
CA LEU E 189 8.82 -25.14 2.96
C LEU E 189 8.55 -26.42 3.72
N VAL E 190 7.28 -26.60 4.13
CA VAL E 190 6.86 -27.61 5.06
C VAL E 190 5.90 -28.63 4.46
N LYS E 191 6.26 -29.91 4.61
CA LYS E 191 5.34 -31.01 4.27
C LYS E 191 4.56 -31.47 5.50
N ASN E 192 3.24 -31.36 5.41
CA ASN E 192 2.34 -31.84 6.47
C ASN E 192 1.87 -33.29 6.16
N SER E 193 1.04 -33.85 7.03
CA SER E 193 0.53 -35.18 6.83
C SER E 193 -0.96 -35.14 7.08
N TRP E 194 -1.61 -34.13 6.49
CA TRP E 194 -3.06 -33.95 6.61
C TRP E 194 -3.73 -34.07 5.22
N GLY E 195 -3.10 -34.80 4.30
CA GLY E 195 -3.64 -35.00 2.97
C GLY E 195 -3.52 -33.76 2.07
N LEU E 196 -3.91 -33.96 0.81
CA LEU E 196 -3.74 -32.94 -0.23
C LEU E 196 -4.71 -31.75 -0.13
N ASN E 197 -5.79 -31.91 0.62
N ASN E 197 -5.81 -31.92 0.61
CA ASN E 197 -6.73 -30.82 0.85
CA ASN E 197 -6.75 -30.84 0.90
C ASN E 197 -6.22 -29.83 1.90
C ASN E 197 -6.13 -29.77 1.80
N PHE E 198 -5.07 -30.13 2.52
CA PHE E 198 -4.46 -29.18 3.42
C PHE E 198 -3.57 -28.25 2.61
N GLY E 199 -3.71 -26.95 2.91
CA GLY E 199 -2.79 -25.95 2.40
C GLY E 199 -2.61 -25.98 0.91
N ASP E 200 -1.37 -25.84 0.45
CA ASP E 200 -1.02 -25.93 -0.98
C ASP E 200 -0.61 -27.38 -1.33
N GLN E 201 -1.57 -28.20 -1.77
CA GLN E 201 -1.31 -29.58 -2.11
C GLN E 201 -0.60 -30.37 -0.99
N GLY E 202 -0.95 -30.05 0.26
CA GLY E 202 -0.38 -30.72 1.43
C GLY E 202 0.79 -29.97 2.06
N TYR E 203 1.23 -28.90 1.39
CA TYR E 203 2.39 -28.14 1.81
C TYR E 203 2.00 -26.78 2.36
N ILE E 204 2.80 -26.28 3.29
CA ILE E 204 2.67 -24.91 3.81
C ILE E 204 4.02 -24.20 3.82
N ARG E 205 4.03 -22.96 3.36
CA ARG E 205 5.21 -22.09 3.49
C ARG E 205 5.08 -21.27 4.77
N MET E 206 6.09 -21.33 5.63
CA MET E 206 5.97 -20.79 6.96
C MET E 206 7.09 -19.82 7.19
N ALA E 207 6.84 -18.79 7.99
CA ALA E 207 7.79 -17.69 8.13
C ALA E 207 9.15 -18.14 8.67
N ARG E 208 10.20 -17.68 8.01
CA ARG E 208 11.57 -17.98 8.35
C ARG E 208 12.28 -16.67 8.71
N ASN E 209 13.29 -16.77 9.58
CA ASN E 209 14.00 -15.62 10.15
C ASN E 209 13.14 -14.57 10.82
N ASN E 210 11.98 -15.00 11.29
CA ASN E 210 11.11 -14.18 12.09
C ASN E 210 10.96 -14.72 13.51
N LYS E 211 12.07 -14.69 14.25
CA LYS E 211 12.10 -14.94 15.69
C LYS E 211 11.55 -16.36 16.00
N ASN E 212 12.04 -17.34 15.24
CA ASN E 212 11.58 -18.72 15.40
C ASN E 212 10.05 -18.84 15.40
N HIS E 213 9.43 -18.36 14.33
CA HIS E 213 7.99 -18.39 14.16
C HIS E 213 7.46 -19.81 14.38
N CYS E 214 6.40 -19.93 15.19
CA CYS E 214 5.77 -21.22 15.52
C CYS E 214 6.69 -22.29 16.12
N GLY E 215 7.84 -21.88 16.63
CA GLY E 215 8.80 -22.82 17.21
C GLY E 215 9.52 -23.70 16.20
N ILE E 216 9.46 -23.33 14.92
CA ILE E 216 9.90 -24.24 13.86
C ILE E 216 11.35 -24.72 14.02
N ALA E 217 12.23 -23.92 14.60
CA ALA E 217 13.61 -24.35 14.80
C ALA E 217 13.94 -24.86 16.22
N SER E 218 12.93 -25.09 17.04
CA SER E 218 13.17 -25.44 18.45
C SER E 218 13.66 -26.90 18.67
N TYR E 219 13.08 -27.84 17.93
CA TYR E 219 13.38 -29.27 18.11
C TYR E 219 13.56 -29.95 16.76
N CYS E 220 14.73 -29.72 16.16
CA CYS E 220 15.06 -30.19 14.82
C CYS E 220 15.97 -31.41 14.90
N SER E 221 15.71 -32.39 14.03
CA SER E 221 16.56 -33.55 13.93
C SER E 221 16.47 -34.25 12.57
N TYR E 222 17.52 -34.95 12.19
CA TYR E 222 17.47 -35.74 10.98
C TYR E 222 18.28 -37.01 11.24
N PRO E 223 17.96 -38.09 10.50
CA PRO E 223 18.67 -39.37 10.67
C PRO E 223 19.81 -39.56 9.71
N GLU E 224 20.70 -40.48 10.04
CA GLU E 224 21.82 -40.84 9.19
C GLU E 224 21.75 -42.33 8.98
N ILE E 225 21.62 -42.74 7.72
CA ILE E 225 21.85 -44.11 7.37
C ILE E 225 23.36 -44.34 7.65
N ASP F 128 -6.76 -32.80 -33.75
CA ASP F 128 -7.88 -32.45 -32.83
C ASP F 128 -7.42 -32.29 -31.36
N GLU F 129 -6.97 -31.08 -31.04
CA GLU F 129 -6.46 -30.78 -29.70
C GLU F 129 -7.61 -30.76 -28.69
N ASP F 130 -8.77 -30.28 -29.14
CA ASP F 130 -9.96 -30.25 -28.29
C ASP F 130 -10.43 -31.65 -27.87
N ALA F 131 -10.17 -32.67 -28.69
CA ALA F 131 -10.47 -34.06 -28.32
C ALA F 131 -9.37 -34.64 -27.43
N LEU F 132 -8.12 -34.32 -27.74
CA LEU F 132 -6.99 -34.66 -26.87
C LEU F 132 -7.22 -34.09 -25.48
N LYS F 133 -7.83 -32.91 -25.45
CA LYS F 133 -8.23 -32.25 -24.21
C LYS F 133 -9.25 -33.09 -23.43
N GLU F 134 -10.34 -33.49 -24.11
CA GLU F 134 -11.44 -34.26 -23.49
C GLU F 134 -10.91 -35.54 -22.83
N ALA F 135 -9.92 -36.16 -23.47
CA ALA F 135 -9.27 -37.34 -22.93
C ALA F 135 -8.62 -37.04 -21.57
N VAL F 136 -7.78 -36.00 -21.54
CA VAL F 136 -7.03 -35.66 -20.33
C VAL F 136 -7.99 -35.21 -19.23
N ALA F 137 -9.14 -34.66 -19.62
CA ALA F 137 -10.20 -34.25 -18.67
C ALA F 137 -11.51 -34.99 -18.92
N PRO F 141 -3.67 -39.26 -17.03
CA PRO F 141 -2.76 -38.98 -18.13
C PRO F 141 -3.34 -39.35 -19.49
N VAL F 142 -2.55 -39.12 -20.54
CA VAL F 142 -2.73 -39.66 -21.90
C VAL F 142 -1.30 -39.87 -22.43
N SER F 143 -1.12 -40.35 -23.67
CA SER F 143 0.22 -40.35 -24.28
C SER F 143 0.23 -40.06 -25.78
N VAL F 144 1.26 -39.33 -26.22
CA VAL F 144 1.35 -38.84 -27.59
C VAL F 144 2.81 -38.69 -28.02
N GLY F 145 2.99 -38.34 -29.29
CA GLY F 145 4.30 -38.05 -29.84
C GLY F 145 4.47 -36.59 -30.20
N ILE F 146 5.73 -36.15 -30.31
CA ILE F 146 6.09 -34.76 -30.65
C ILE F 146 7.49 -34.62 -31.31
N ASP F 147 7.68 -33.59 -32.14
CA ASP F 147 9.01 -33.33 -32.75
C ASP F 147 9.95 -32.67 -31.74
N ALA F 148 10.88 -33.47 -31.21
CA ALA F 148 11.76 -33.06 -30.11
C ALA F 148 13.23 -32.85 -30.53
N SER F 149 13.46 -32.59 -31.81
CA SER F 149 14.81 -32.49 -32.36
C SER F 149 15.42 -31.10 -32.28
N HIS F 150 14.64 -30.10 -31.85
CA HIS F 150 15.11 -28.72 -31.90
C HIS F 150 15.80 -28.29 -30.62
N SER F 151 16.92 -27.58 -30.78
CA SER F 151 17.76 -27.15 -29.67
C SER F 151 16.98 -26.35 -28.64
N SER F 152 16.07 -25.49 -29.10
CA SER F 152 15.14 -24.79 -28.21
C SER F 152 14.27 -25.71 -27.35
N PHE F 153 13.89 -26.89 -27.87
CA PHE F 153 13.19 -27.89 -27.05
C PHE F 153 14.18 -28.47 -26.06
N PHE F 154 15.35 -28.83 -26.55
CA PHE F 154 16.38 -29.42 -25.72
C PHE F 154 16.70 -28.47 -24.57
N PHE F 155 17.11 -27.25 -24.92
CA PHE F 155 17.54 -26.24 -23.93
C PHE F 155 16.40 -25.44 -23.29
N TYR F 156 15.19 -25.99 -23.31
CA TYR F 156 14.03 -25.33 -22.70
C TYR F 156 14.23 -25.11 -21.19
N LYS F 157 13.90 -23.91 -20.74
CA LYS F 157 14.13 -23.47 -19.35
C LYS F 157 12.79 -23.26 -18.64
N SER F 158 11.95 -22.38 -19.18
CA SER F 158 10.71 -21.97 -18.51
C SER F 158 9.68 -21.51 -19.51
N GLY F 159 8.46 -21.32 -19.02
CA GLY F 159 7.40 -20.77 -19.82
C GLY F 159 6.79 -21.84 -20.70
N VAL F 160 6.20 -21.40 -21.80
CA VAL F 160 5.59 -22.28 -22.78
C VAL F 160 6.48 -22.42 -24.03
N TYR F 161 6.76 -23.66 -24.41
CA TYR F 161 7.58 -23.91 -25.58
C TYR F 161 6.72 -23.63 -26.79
N ASP F 162 7.18 -22.68 -27.60
CA ASP F 162 6.52 -22.32 -28.85
C ASP F 162 7.62 -21.95 -29.88
N ASP F 163 8.09 -22.98 -30.57
CA ASP F 163 9.18 -22.91 -31.52
C ASP F 163 8.62 -22.80 -32.94
N PRO F 164 8.99 -21.73 -33.66
CA PRO F 164 8.70 -21.75 -35.09
C PRO F 164 9.31 -22.98 -35.79
N SER F 165 10.53 -23.36 -35.41
CA SER F 165 11.24 -24.45 -36.08
C SER F 165 10.52 -25.80 -36.02
N CYS F 166 9.59 -25.95 -35.07
CA CYS F 166 8.94 -27.23 -34.85
C CYS F 166 8.09 -27.66 -36.07
N THR F 167 7.86 -28.97 -36.19
CA THR F 167 7.19 -29.57 -37.33
C THR F 167 6.08 -30.50 -36.87
N GLY F 168 5.31 -31.03 -37.82
CA GLY F 168 4.31 -32.04 -37.54
C GLY F 168 4.87 -33.45 -37.55
N ASN F 169 6.14 -33.56 -37.93
CA ASN F 169 6.83 -34.85 -38.06
C ASN F 169 7.37 -35.29 -36.71
N VAL F 170 6.53 -35.96 -35.93
CA VAL F 170 6.89 -36.37 -34.58
C VAL F 170 8.04 -37.38 -34.60
N ASN F 171 8.75 -37.48 -33.49
CA ASN F 171 9.82 -38.47 -33.37
C ASN F 171 10.22 -38.79 -31.93
N HIS F 172 9.27 -38.76 -31.01
CA HIS F 172 9.56 -38.94 -29.59
C HIS F 172 8.34 -39.25 -28.74
N GLY F 173 8.56 -40.06 -27.71
CA GLY F 173 7.49 -40.52 -26.84
C GLY F 173 7.44 -39.72 -25.56
N VAL F 174 6.26 -39.23 -25.22
CA VAL F 174 6.06 -38.37 -24.05
C VAL F 174 4.64 -38.53 -23.48
N LEU F 175 4.51 -38.21 -22.20
CA LEU F 175 3.26 -38.32 -21.48
C LEU F 175 2.72 -36.92 -21.20
N VAL F 176 1.68 -36.54 -21.94
CA VAL F 176 0.91 -35.33 -21.66
C VAL F 176 0.08 -35.60 -20.39
N VAL F 177 0.58 -35.13 -19.25
CA VAL F 177 -0.11 -35.36 -17.98
C VAL F 177 -1.14 -34.29 -17.64
N GLY F 178 -1.31 -33.25 -18.48
CA GLY F 178 -2.27 -32.18 -18.16
C GLY F 178 -2.36 -31.01 -19.13
N TYR F 179 -3.10 -29.97 -18.73
CA TYR F 179 -3.27 -28.77 -19.53
C TYR F 179 -3.74 -27.60 -18.68
N GLY F 180 -3.39 -26.38 -19.10
CA GLY F 180 -3.83 -25.15 -18.43
C GLY F 180 -3.64 -23.89 -19.26
N THR F 181 -3.54 -22.74 -18.60
CA THR F 181 -3.29 -21.43 -19.26
C THR F 181 -2.38 -20.54 -18.42
N LEU F 182 -1.11 -20.47 -18.83
CA LEU F 182 -0.08 -19.70 -18.14
C LEU F 182 0.08 -18.29 -18.73
N ASP F 183 -0.23 -17.29 -17.92
CA ASP F 183 -0.14 -15.91 -18.34
C ASP F 183 -0.77 -15.70 -19.72
N GLY F 184 -1.96 -16.25 -19.91
CA GLY F 184 -2.77 -16.02 -21.09
C GLY F 184 -2.53 -16.96 -22.23
N LYS F 185 -1.62 -17.90 -22.08
CA LYS F 185 -1.22 -18.78 -23.18
C LYS F 185 -1.46 -20.27 -22.85
N ASP F 186 -2.38 -20.92 -23.60
CA ASP F 186 -2.69 -22.36 -23.38
C ASP F 186 -1.46 -23.26 -23.53
N TYR F 187 -1.34 -24.25 -22.64
CA TYR F 187 -0.29 -25.24 -22.75
C TYR F 187 -0.80 -26.67 -22.52
N TRP F 188 0.05 -27.62 -22.93
CA TRP F 188 0.00 -29.02 -22.48
C TRP F 188 1.16 -29.22 -21.52
N LEU F 189 0.90 -29.84 -20.37
CA LEU F 189 1.95 -30.16 -19.38
C LEU F 189 2.52 -31.53 -19.64
N VAL F 190 3.78 -31.59 -20.09
CA VAL F 190 4.37 -32.80 -20.66
C VAL F 190 5.52 -33.35 -19.81
N LYS F 191 5.41 -34.62 -19.43
CA LYS F 191 6.49 -35.37 -18.78
C LYS F 191 7.36 -36.06 -19.82
N ASN F 192 8.67 -36.03 -19.61
CA ASN F 192 9.65 -36.63 -20.52
C ASN F 192 10.50 -37.69 -19.81
N SER F 193 11.32 -38.43 -20.56
CA SER F 193 12.13 -39.52 -20.03
C SER F 193 13.59 -39.15 -19.79
N TRP F 194 13.92 -37.87 -19.89
CA TRP F 194 15.31 -37.40 -19.84
C TRP F 194 15.77 -36.94 -18.45
N GLY F 195 14.87 -36.91 -17.47
CA GLY F 195 15.23 -36.69 -16.08
C GLY F 195 15.09 -35.26 -15.61
N LEU F 196 15.53 -35.03 -14.36
CA LEU F 196 15.30 -33.77 -13.63
C LEU F 196 15.84 -32.56 -14.39
N ASN F 197 17.04 -32.74 -14.96
CA ASN F 197 17.77 -31.66 -15.61
C ASN F 197 17.40 -31.44 -17.08
N PHE F 198 16.24 -31.91 -17.47
CA PHE F 198 15.61 -31.45 -18.69
C PHE F 198 14.44 -30.55 -18.31
N GLY F 199 14.39 -29.38 -18.92
CA GLY F 199 13.29 -28.46 -18.70
C GLY F 199 13.10 -28.11 -17.24
N ASP F 200 11.85 -28.02 -16.84
CA ASP F 200 11.47 -27.67 -15.47
C ASP F 200 11.26 -28.96 -14.67
N GLN F 201 12.32 -29.45 -14.03
CA GLN F 201 12.25 -30.71 -13.27
C GLN F 201 11.60 -31.83 -14.11
N GLY F 202 12.27 -32.17 -15.22
CA GLY F 202 11.86 -33.25 -16.10
C GLY F 202 10.80 -32.90 -17.12
N TYR F 203 10.02 -31.86 -16.83
CA TYR F 203 8.83 -31.52 -17.60
C TYR F 203 9.06 -30.35 -18.55
N ILE F 204 8.12 -30.19 -19.49
CA ILE F 204 8.13 -29.08 -20.43
C ILE F 204 6.69 -28.70 -20.77
N ARG F 205 6.38 -27.41 -20.68
CA ARG F 205 5.06 -26.92 -21.04
C ARG F 205 5.11 -26.56 -22.51
N MET F 206 4.16 -27.09 -23.28
CA MET F 206 4.17 -26.90 -24.73
C MET F 206 2.88 -26.30 -25.24
N ALA F 207 3.01 -25.52 -26.31
CA ALA F 207 1.89 -24.73 -26.83
C ALA F 207 0.66 -25.59 -27.13
N ARG F 208 -0.51 -25.15 -26.64
CA ARG F 208 -1.78 -25.83 -26.84
C ARG F 208 -2.76 -24.95 -27.62
N ASN F 209 -3.59 -25.57 -28.43
CA ASN F 209 -4.51 -24.87 -29.34
C ASN F 209 -3.82 -23.97 -30.37
N ASN F 210 -2.55 -24.24 -30.65
CA ASN F 210 -1.80 -23.50 -31.66
C ASN F 210 -1.44 -24.42 -32.83
N LYS F 211 -2.44 -24.79 -33.61
CA LYS F 211 -2.24 -25.56 -34.85
C LYS F 211 -1.44 -26.83 -34.59
N ASN F 212 -1.85 -27.59 -33.59
CA ASN F 212 -1.22 -28.87 -33.27
C ASN F 212 0.30 -28.75 -33.23
N HIS F 213 0.79 -27.99 -32.27
CA HIS F 213 2.21 -27.65 -32.19
C HIS F 213 3.10 -28.87 -31.92
N CYS F 214 4.14 -29.01 -32.73
CA CYS F 214 5.05 -30.17 -32.74
C CYS F 214 4.32 -31.51 -32.86
N GLY F 215 3.16 -31.51 -33.53
CA GLY F 215 2.34 -32.72 -33.70
C GLY F 215 1.96 -33.35 -32.38
N ILE F 216 1.46 -32.54 -31.46
CA ILE F 216 1.13 -32.99 -30.10
C ILE F 216 -0.20 -33.75 -30.08
N ALA F 217 -1.19 -33.33 -30.86
CA ALA F 217 -2.46 -34.05 -30.97
C ALA F 217 -2.52 -34.97 -32.20
N SER F 218 -1.37 -35.45 -32.65
CA SER F 218 -1.33 -36.29 -33.85
C SER F 218 -1.74 -37.73 -33.53
N TYR F 219 -1.44 -38.18 -32.31
CA TYR F 219 -1.69 -39.55 -31.89
C TYR F 219 -2.23 -39.60 -30.46
C1 OFH G . -0.28 14.12 -10.34
S2 OFH G . 3.29 10.60 -9.01
N3 OFH G . 1.36 13.30 -8.64
C4 OFH G . 0.15 13.77 -8.92
C5 OFH G . 3.48 12.26 -8.74
C6 OFH G . 3.40 10.28 -10.60
C7 OFH G . 1.70 13.00 -7.24
C8 OFH G . 0.06 15.58 -10.77
C9 OFH G . 2.46 13.01 -9.57
C10 OFH G . 3.19 12.71 -7.30
C11 OFH G . -1.48 13.34 -10.89
C12 OFH G . -0.10 13.05 -11.45
C13 OFH G . 1.36 14.12 -6.28
C14 OFH G . 0.19 14.51 -4.12
C15 OFH G . 4.46 11.67 -16.14
C16 OFH G . 4.60 10.42 -11.29
N17 OFH G . 0.68 13.72 -5.22
C18 OFH G . 1.15 14.90 -2.97
N19 OFH G . 0.74 15.63 -2.01
C20 OFH G . 2.31 9.93 -11.38
C21 OFH G . 4.76 10.22 -12.66
O22 OFH G . 4.31 9.94 -8.31
O23 OFH G . 1.99 10.24 -8.57
C24 OFH G . -1.33 14.52 -3.85
C25 OFH G . -0.67 15.70 -4.57
C26 OFH G . 4.87 10.29 -15.57
O27 OFH G . -0.66 13.95 -8.01
O28 OFH G . 3.80 9.68 -14.81
C29 OFH G . 3.66 9.87 -13.45
O30 OFH G . 1.62 15.32 -6.48
F31 OFH G . 1.36 15.87 -10.79
F32 OFH G . -0.50 16.44 -9.90
F33 OFH G . -0.37 15.78 -11.99
F34 OFH G . 3.18 11.82 -16.30
F35 OFH G . 4.99 11.92 -17.31
F36 OFH G . 4.97 12.57 -15.33
CL OFH G . 6.11 10.90 -10.52
C38 OFH G . 2.46 9.73 -12.77
C39 OFH G . 5.32 9.37 -16.69
C1 OFH H . 10.18 34.69 40.13
S2 OFH H . 8.34 30.41 37.55
N3 OFH H . 10.01 33.37 38.01
C4 OFH H . 10.79 34.04 38.90
C5 OFH H . 8.36 32.00 36.96
C6 OFH H . 7.27 30.35 38.78
C7 OFH H . 10.65 32.73 36.87
C8 OFH H . 9.51 36.01 39.92
C9 OFH H . 8.58 33.06 38.03
C10 OFH H . 9.50 32.27 35.98
C11 OFH H . 10.75 34.30 41.48
C12 OFH H . 9.41 33.73 41.04
C13 OFH H . 11.67 33.55 36.19
C14 OFH H . 14.00 33.56 35.48
C15 OFH H . 3.63 29.91 44.14
C16 OFH H . 5.91 30.33 38.54
N17 OFH H . 12.83 32.94 36.10
C18 OFH H . 14.06 33.55 33.97
N19 OFH H . 15.05 33.97 33.34
C20 OFH H . 7.69 30.30 40.12
C21 OFH H . 4.98 30.28 39.57
O22 OFH H . 7.95 29.58 36.50
O23 OFH H . 9.59 30.11 38.16
C24 OFH H . 15.28 33.68 36.30
C25 OFH H . 14.38 34.91 36.10
C26 OFH H . 4.83 30.34 43.28
O27 OFH H . 11.99 34.15 38.76
O28 OFH H . 4.43 30.23 41.89
C29 OFH H . 5.39 30.25 40.90
O30 OFH H . 11.50 34.68 35.82
F31 OFH H . 8.63 35.95 38.92
F32 OFH H . 10.49 36.78 39.54
F33 OFH H . 8.95 36.49 41.02
F34 OFH H . 2.66 30.78 43.92
F35 OFH H . 4.06 29.91 45.41
F36 OFH H . 3.18 28.72 43.84
CL OFH H . 5.34 30.39 36.84
C38 OFH H . 6.77 30.27 41.17
C39 OFH H . 5.32 31.76 43.62
C1 OFH I . -11.80 -3.09 -7.16
S2 OFH I . -15.75 0.20 -5.52
N3 OFH I . -13.14 -2.12 -5.28
C4 OFH I . -11.93 -2.45 -5.80
C5 OFH I . -15.44 -1.38 -5.01
C6 OFH I . -16.19 0.11 -7.09
C7 OFH I . -13.28 -1.49 -3.97
C8 OFH I . -12.01 -4.61 -7.20
C9 OFH I . -14.45 -2.13 -5.92
C10 OFH I . -14.79 -1.49 -3.64
C11 OFH I . -10.87 -2.37 -8.12
C12 OFH I . -12.40 -2.32 -8.34
C13 OFH I . -12.47 -2.14 -2.94
C14 OFH I . -10.76 -1.50 -1.28
C15 OFH I . -17.31 0.15 -13.48
C16 OFH I . -17.42 -0.41 -7.49
N17 OFH I . -11.72 -1.26 -2.34
C18 OFH I . -11.25 -1.72 0.13
N19 OFH I . -10.45 -2.12 1.02
C20 OFH I . -15.31 0.51 -8.11
C21 OFH I . -17.80 -0.51 -8.84
O22 OFH I . -16.80 0.77 -4.71
O23 OFH I . -14.58 0.97 -5.42
C24 OFH I . -9.31 -1.12 -1.50
C25 OFH I . -9.72 -2.55 -1.70
C26 OFH I . -16.44 -0.01 -12.23
O27 OFH I . -10.86 -2.33 -5.19
O28 OFH I . -17.33 -0.21 -11.12
C29 OFH I . -16.92 -0.09 -9.81
O30 OFH I . -12.52 -3.35 -2.78
F31 OFH I . -13.23 -4.99 -6.81
F32 OFH I . -11.09 -5.11 -6.39
F33 OFH I . -11.86 -5.08 -8.40
F34 OFH I . -18.08 -0.92 -13.59
F35 OFH I . -16.52 0.28 -14.54
F36 OFH I . -18.11 1.21 -13.35
CL OFH I . -18.63 -0.98 -6.30
C38 OFH I . -15.67 0.41 -9.45
C39 OFH I . -15.44 -1.17 -12.34
C1 OFH J . 2.74 12.41 -21.54
S2 OFH J . -0.12 8.02 -21.28
N3 OFH J . 1.31 10.72 -22.69
C4 OFH J . 2.43 11.46 -22.70
C5 OFH J . -0.60 9.43 -22.08
C6 OFH J . -0.28 8.28 -19.67
C7 OFH J . 1.04 9.82 -23.83
C8 OFH J . 2.01 13.77 -21.60
C9 OFH J . 0.26 10.61 -21.65
C10 OFH J . -0.37 9.30 -23.60
C11 OFH J . 4.08 12.25 -20.84
C12 OFH J . 2.79 11.77 -20.14
C13 OFH J . 1.20 10.52 -25.18
C14 OFH J . 2.36 10.21 -27.34
C15 OFH J . -1.77 11.00 -14.99
C16 OFH J . -1.54 8.38 -19.07
N17 OFH J . 1.98 9.85 -26.01
C18 OFH J . 1.28 10.11 -28.45
N19 OFH J . 1.47 10.57 -29.64
C20 OFH J . 0.87 8.46 -18.88
C21 OFH J . -1.67 8.64 -17.71
O22 OFH J . -0.92 6.94 -21.76
O23 OFH J . 1.27 7.81 -21.63
C24 OFH J . 3.85 10.22 -27.66
C25 OFH J . 3.15 11.54 -27.42
C26 OFH J . -1.69 9.49 -14.84
O27 OFH J . 3.21 11.42 -23.63
O28 OFH J . -0.57 9.07 -15.57
C29 OFH J . -0.52 8.80 -16.92
O30 OFH J . 0.66 11.57 -25.45
F31 OFH J . 0.69 13.64 -21.56
F32 OFH J . 2.34 14.33 -22.75
F33 OFH J . 2.41 14.52 -20.60
F34 OFH J . -0.56 11.55 -15.07
F35 OFH J . -2.36 11.51 -13.93
F36 OFH J . -2.50 11.21 -16.07
CL OFH J . -3.04 8.18 -20.04
C38 OFH J . 0.74 8.70 -17.51
C39 OFH J . -1.49 9.12 -13.38
C1 OFH K . 3.49 -35.00 22.69
S2 OFH K . 6.58 -32.16 19.42
N3 OFH K . 4.19 -34.43 20.37
C4 OFH K . 3.20 -34.63 21.25
C5 OFH K . 6.26 -33.85 19.30
C6 OFH K . 7.54 -31.97 20.72
C7 OFH K . 3.89 -34.09 18.98
C8 OFH K . 3.78 -36.49 22.95
C9 OFH K . 5.67 -34.41 20.60
C10 OFH K . 5.21 -34.15 18.24
C11 OFH K . 2.88 -34.13 23.81
C12 OFH K . 4.37 -34.01 23.47
C13 OFH K . 2.78 -34.95 18.42
C14 OFH K . 0.61 -34.75 17.26
C15 OFH K . 11.86 -32.63 24.74
C16 OFH K . 8.89 -32.22 20.69
N17 OFH K . 1.84 -34.23 17.82
C18 OFH K . 0.59 -35.28 15.83
N19 OFH K . -0.46 -35.71 15.28
C20 OFH K . 6.98 -31.59 21.94
C21 OFH K . 9.70 -32.09 21.82
O22 OFH K . 7.15 -31.78 18.16
O23 OFH K . 5.34 -31.55 19.65
C24 OFH K . -0.70 -34.31 17.90
C25 OFH K . -0.13 -35.67 18.24
C26 OFH K . 11.21 -31.31 24.36
O27 OFH K . 2.00 -34.61 20.92
O28 OFH K . 9.81 -31.54 24.19
C29 OFH K . 9.12 -31.70 23.03
O30 OFH K . 2.76 -36.20 18.53
F31 OFH K . 4.77 -36.89 22.16
F32 OFH K . 2.70 -37.18 22.62
F33 OFH K . 4.06 -36.69 24.22
F34 OFH K . 11.08 -33.27 25.60
F35 OFH K . 13.05 -32.34 25.28
F36 OFH K . 12.07 -33.39 23.68
CL OFH K . 9.64 -32.72 19.16
C38 OFH K . 7.76 -31.45 23.06
C39 OFH K . 11.37 -30.27 25.47
#